data_2JPL
#
_entry.id   2JPL
#
_cell.length_a   1.000
_cell.length_b   1.000
_cell.length_c   1.000
_cell.angle_alpha   90.00
_cell.angle_beta   90.00
_cell.angle_gamma   90.00
#
_symmetry.space_group_name_H-M   'P 1'
#
_entity_poly.entity_id   1
_entity_poly.type   'polypeptide(L)'
_entity_poly.pdbx_seq_one_letter_code
;GTWDDIGQGIGRVAYWVGKALGNLSDVNQASRINRKKKH
;
_entity_poly.pdbx_strand_id   A
#
# COMPACT_ATOMS: atom_id res chain seq x y z
N GLY A 1 22.42 14.41 -0.88
CA GLY A 1 21.30 14.27 -1.79
C GLY A 1 19.97 14.26 -1.07
N THR A 2 18.97 13.63 -1.69
CA THR A 2 17.64 13.55 -1.10
C THR A 2 16.85 12.38 -1.68
N TRP A 3 16.96 12.20 -3.00
CA TRP A 3 16.25 11.12 -3.67
C TRP A 3 16.62 9.76 -3.07
N ASP A 4 17.81 9.68 -2.50
CA ASP A 4 18.28 8.44 -1.88
C ASP A 4 17.84 8.36 -0.42
N ASP A 5 17.63 9.52 0.19
CA ASP A 5 17.19 9.57 1.58
C ASP A 5 15.70 9.30 1.70
N ILE A 6 15.00 9.31 0.56
CA ILE A 6 13.57 9.07 0.54
C ILE A 6 13.21 7.79 1.29
N GLY A 7 14.14 6.84 1.30
CA GLY A 7 13.91 5.58 1.98
C GLY A 7 14.56 5.54 3.35
N GLN A 8 15.48 6.47 3.60
CA GLN A 8 16.17 6.53 4.88
C GLN A 8 15.17 6.54 6.04
N GLY A 9 13.99 7.10 5.80
CA GLY A 9 12.97 7.17 6.82
C GLY A 9 12.30 8.52 6.89
N ILE A 10 11.93 9.06 5.72
CA ILE A 10 11.27 10.35 5.64
C ILE A 10 9.93 10.33 6.36
N GLY A 11 9.42 9.13 6.63
CA GLY A 11 8.15 9.00 7.31
C GLY A 11 7.67 7.56 7.36
N ARG A 12 8.48 6.69 7.98
CA ARG A 12 8.13 5.28 8.09
C ARG A 12 8.04 4.62 6.71
N VAL A 13 8.77 5.18 5.75
CA VAL A 13 8.78 4.64 4.40
C VAL A 13 9.18 3.17 4.38
N ALA A 14 10.13 2.81 5.24
CA ALA A 14 10.60 1.44 5.32
C ALA A 14 9.50 0.51 5.81
N TYR A 15 8.95 0.81 6.98
CA TYR A 15 7.89 0.01 7.55
C TYR A 15 6.65 0.02 6.66
N TRP A 16 6.50 1.09 5.90
CA TRP A 16 5.36 1.22 5.00
C TRP A 16 5.51 0.32 3.78
N VAL A 17 6.59 0.51 3.04
CA VAL A 17 6.86 -0.28 1.84
C VAL A 17 6.82 -1.78 2.16
N GLY A 18 7.55 -2.18 3.20
CA GLY A 18 7.57 -3.57 3.59
C GLY A 18 6.21 -4.08 4.02
N LYS A 19 5.39 -3.20 4.58
CA LYS A 19 4.06 -3.57 5.03
C LYS A 19 3.10 -3.70 3.86
N ALA A 20 3.24 -2.80 2.89
CA ALA A 20 2.39 -2.83 1.70
C ALA A 20 2.74 -4.00 0.79
N LEU A 21 4.04 -4.26 0.64
CA LEU A 21 4.51 -5.34 -0.21
C LEU A 21 3.95 -6.68 0.26
N GLY A 22 3.90 -6.86 1.58
CA GLY A 22 3.38 -8.09 2.15
C GLY A 22 2.01 -7.92 2.75
N ASN A 23 1.27 -6.93 2.27
CA ASN A 23 -0.07 -6.67 2.77
C ASN A 23 -1.06 -7.72 2.28
N LEU A 24 -2.34 -7.49 2.53
CA LEU A 24 -3.38 -8.43 2.12
C LEU A 24 -4.77 -7.79 2.27
N SER A 25 -4.98 -7.09 3.37
CA SER A 25 -6.25 -6.45 3.65
C SER A 25 -6.66 -5.55 2.48
N ASP A 26 -5.67 -5.04 1.76
CA ASP A 26 -5.92 -4.17 0.62
C ASP A 26 -6.74 -4.88 -0.45
N VAL A 27 -6.38 -6.14 -0.72
CA VAL A 27 -7.09 -6.93 -1.72
C VAL A 27 -8.52 -7.22 -1.27
N ASN A 28 -8.71 -7.37 0.03
CA ASN A 28 -10.02 -7.66 0.59
C ASN A 28 -11.01 -6.56 0.23
N GLN A 29 -10.60 -5.31 0.44
CA GLN A 29 -11.45 -4.17 0.14
C GLN A 29 -11.65 -4.01 -1.37
N ALA A 30 -10.56 -4.14 -2.12
CA ALA A 30 -10.63 -4.03 -3.57
C ALA A 30 -11.46 -5.15 -4.18
N SER A 31 -11.58 -6.26 -3.45
CA SER A 31 -12.34 -7.40 -3.92
C SER A 31 -13.83 -7.12 -3.87
N ARG A 32 -14.24 -6.24 -2.96
CA ARG A 32 -15.64 -5.89 -2.80
C ARG A 32 -16.05 -4.85 -3.84
N ILE A 33 -15.19 -3.87 -4.06
CA ILE A 33 -15.46 -2.82 -5.04
C ILE A 33 -15.48 -3.37 -6.46
N ASN A 34 -14.76 -4.47 -6.67
CA ASN A 34 -14.70 -5.10 -7.99
C ASN A 34 -16.04 -5.74 -8.35
N ARG A 35 -16.53 -6.61 -7.47
CA ARG A 35 -17.80 -7.29 -7.71
C ARG A 35 -18.96 -6.31 -7.59
N LYS A 36 -18.78 -5.27 -6.79
CA LYS A 36 -19.82 -4.26 -6.60
C LYS A 36 -19.97 -3.40 -7.84
N LYS A 37 -18.86 -3.04 -8.45
CA LYS A 37 -18.87 -2.21 -9.65
C LYS A 37 -19.41 -3.00 -10.85
N LYS A 38 -18.85 -4.17 -11.08
CA LYS A 38 -19.27 -5.02 -12.18
C LYS A 38 -20.56 -5.76 -11.83
N HIS A 39 -21.06 -5.53 -10.62
CA HIS A 39 -22.28 -6.17 -10.16
C HIS A 39 -22.15 -7.70 -10.21
N GLY A 1 11.88 18.07 3.70
CA GLY A 1 11.49 17.58 2.39
C GLY A 1 10.54 16.41 2.46
N THR A 2 10.69 15.48 1.52
CA THR A 2 9.83 14.30 1.48
C THR A 2 10.48 13.17 0.69
N TRP A 3 11.10 13.53 -0.43
CA TRP A 3 11.76 12.55 -1.28
C TRP A 3 13.08 12.09 -0.66
N ASP A 4 13.70 12.97 0.12
CA ASP A 4 14.97 12.66 0.77
C ASP A 4 14.73 12.04 2.15
N ASP A 5 13.81 11.08 2.21
CA ASP A 5 13.50 10.41 3.46
C ASP A 5 12.70 9.13 3.21
N ILE A 6 11.74 9.20 2.31
CA ILE A 6 10.91 8.05 1.97
C ILE A 6 11.73 6.97 1.28
N GLY A 7 12.83 7.37 0.65
CA GLY A 7 13.69 6.43 -0.03
C GLY A 7 15.15 6.65 0.27
N GLN A 8 15.43 7.38 1.34
CA GLN A 8 16.80 7.67 1.74
C GLN A 8 17.40 6.50 2.52
N GLY A 9 16.54 5.73 3.16
CA GLY A 9 17.00 4.58 3.94
C GLY A 9 16.87 4.81 5.43
N ILE A 10 15.71 5.30 5.86
CA ILE A 10 15.46 5.55 7.27
C ILE A 10 15.79 4.34 8.12
N GLY A 11 15.49 3.16 7.60
CA GLY A 11 15.76 1.93 8.32
C GLY A 11 14.93 0.76 7.83
N ARG A 12 13.69 1.04 7.42
CA ARG A 12 12.80 0.01 6.94
C ARG A 12 11.77 0.60 5.96
N VAL A 13 12.15 1.68 5.30
CA VAL A 13 11.27 2.34 4.34
C VAL A 13 10.78 1.36 3.28
N ALA A 14 11.67 0.46 2.86
CA ALA A 14 11.33 -0.54 1.86
C ALA A 14 10.22 -1.47 2.36
N TYR A 15 10.52 -2.22 3.42
CA TYR A 15 9.57 -3.14 4.00
C TYR A 15 8.27 -2.43 4.37
N TRP A 16 8.40 -1.17 4.78
CA TRP A 16 7.24 -0.38 5.17
C TRP A 16 6.27 -0.21 4.00
N VAL A 17 6.78 0.37 2.92
CA VAL A 17 5.97 0.59 1.72
C VAL A 17 5.36 -0.71 1.22
N GLY A 18 6.16 -1.77 1.22
CA GLY A 18 5.69 -3.06 0.76
C GLY A 18 4.47 -3.54 1.53
N LYS A 19 4.40 -3.18 2.81
CA LYS A 19 3.28 -3.57 3.66
C LYS A 19 2.03 -2.75 3.33
N ALA A 20 2.23 -1.46 3.08
CA ALA A 20 1.13 -0.57 2.76
C ALA A 20 0.52 -0.91 1.41
N LEU A 21 1.37 -1.31 0.46
CA LEU A 21 0.91 -1.67 -0.87
C LEU A 21 -0.09 -2.83 -0.81
N GLY A 22 0.02 -3.64 0.23
CA GLY A 22 -0.87 -4.77 0.39
C GLY A 22 -1.49 -4.83 1.77
N ASN A 23 -1.71 -3.67 2.37
CA ASN A 23 -2.30 -3.60 3.70
C ASN A 23 -3.78 -3.96 3.67
N LEU A 24 -4.45 -3.80 4.81
CA LEU A 24 -5.88 -4.10 4.91
C LEU A 24 -6.71 -3.07 4.15
N SER A 25 -6.39 -1.80 4.35
CA SER A 25 -7.10 -0.71 3.70
C SER A 25 -7.18 -0.94 2.19
N ASP A 26 -6.05 -1.34 1.60
CA ASP A 26 -5.99 -1.60 0.17
C ASP A 26 -7.04 -2.61 -0.25
N VAL A 27 -7.17 -3.67 0.53
CA VAL A 27 -8.15 -4.72 0.23
C VAL A 27 -9.57 -4.18 0.29
N ASN A 28 -9.78 -3.21 1.17
CA ASN A 28 -11.11 -2.60 1.33
C ASN A 28 -11.58 -1.97 0.03
N GLN A 29 -10.69 -1.18 -0.60
CA GLN A 29 -11.01 -0.52 -1.85
C GLN A 29 -11.20 -1.54 -2.97
N ALA A 30 -10.30 -2.51 -3.04
CA ALA A 30 -10.36 -3.55 -4.05
C ALA A 30 -11.63 -4.38 -3.92
N SER A 31 -12.04 -4.62 -2.67
CA SER A 31 -13.23 -5.41 -2.40
C SER A 31 -14.46 -4.78 -3.04
N ARG A 32 -14.41 -3.46 -3.23
CA ARG A 32 -15.52 -2.74 -3.84
C ARG A 32 -15.59 -2.99 -5.34
N ILE A 33 -14.43 -3.00 -5.98
CA ILE A 33 -14.35 -3.22 -7.42
C ILE A 33 -14.54 -4.71 -7.74
N ASN A 34 -14.25 -5.57 -6.78
CA ASN A 34 -14.40 -7.01 -6.96
C ASN A 34 -15.87 -7.41 -6.97
N ARG A 35 -16.61 -6.95 -5.97
CA ARG A 35 -18.02 -7.27 -5.86
C ARG A 35 -18.80 -6.69 -7.04
N LYS A 36 -18.31 -5.58 -7.59
CA LYS A 36 -18.95 -4.92 -8.72
C LYS A 36 -18.77 -5.75 -9.99
N LYS A 37 -17.54 -6.20 -10.22
CA LYS A 37 -17.24 -7.01 -11.41
C LYS A 37 -17.93 -8.37 -11.33
N LYS A 38 -17.78 -9.04 -10.20
CA LYS A 38 -18.39 -10.35 -10.00
C LYS A 38 -19.87 -10.21 -9.66
N HIS A 39 -20.35 -8.97 -9.59
CA HIS A 39 -21.75 -8.70 -9.28
C HIS A 39 -22.13 -9.30 -7.93
N GLY A 1 7.79 11.63 3.09
CA GLY A 1 7.74 12.22 1.76
C GLY A 1 7.36 11.22 0.69
N THR A 2 8.19 11.11 -0.34
CA THR A 2 7.93 10.17 -1.43
C THR A 2 9.14 10.07 -2.37
N TRP A 3 9.35 11.11 -3.16
CA TRP A 3 10.46 11.14 -4.11
C TRP A 3 11.77 11.41 -3.38
N ASP A 4 11.68 11.71 -2.09
CA ASP A 4 12.86 12.00 -1.28
C ASP A 4 12.67 11.53 0.15
N ASP A 5 12.00 10.38 0.31
CA ASP A 5 11.75 9.82 1.63
C ASP A 5 11.49 8.32 1.54
N ILE A 6 10.50 7.95 0.75
CA ILE A 6 10.14 6.54 0.58
C ILE A 6 11.25 5.78 -0.15
N GLY A 7 12.08 6.51 -0.88
CA GLY A 7 13.16 5.88 -1.62
C GLY A 7 14.52 6.18 -1.00
N GLN A 8 14.59 7.25 -0.21
CA GLN A 8 15.83 7.64 0.44
C GLN A 8 16.40 6.49 1.27
N GLY A 9 15.52 5.87 2.07
CA GLY A 9 15.95 4.77 2.91
C GLY A 9 16.30 5.22 4.32
N ILE A 10 15.44 6.03 4.91
CA ILE A 10 15.66 6.53 6.27
C ILE A 10 15.93 5.39 7.23
N GLY A 11 15.21 4.28 7.06
CA GLY A 11 15.38 3.13 7.93
C GLY A 11 14.56 1.94 7.47
N ARG A 12 13.26 2.14 7.32
CA ARG A 12 12.36 1.07 6.89
C ARG A 12 11.17 1.63 6.12
N VAL A 13 11.38 2.78 5.48
CA VAL A 13 10.31 3.43 4.71
C VAL A 13 9.75 2.47 3.66
N ALA A 14 10.62 1.68 3.04
CA ALA A 14 10.21 0.74 2.01
C ALA A 14 9.31 -0.33 2.60
N TYR A 15 9.81 -1.05 3.61
CA TYR A 15 9.04 -2.11 4.25
C TYR A 15 7.73 -1.57 4.82
N TRP A 16 7.78 -0.34 5.34
CA TRP A 16 6.61 0.29 5.92
C TRP A 16 5.49 0.42 4.88
N VAL A 17 5.80 1.09 3.77
CA VAL A 17 4.83 1.28 2.70
C VAL A 17 4.22 -0.05 2.27
N GLY A 18 5.04 -1.08 2.17
CA GLY A 18 4.57 -2.38 1.76
C GLY A 18 3.54 -2.95 2.73
N LYS A 19 3.78 -2.74 4.02
CA LYS A 19 2.87 -3.23 5.05
C LYS A 19 1.61 -2.36 5.13
N ALA A 20 1.74 -1.11 4.74
CA ALA A 20 0.62 -0.18 4.75
C ALA A 20 -0.40 -0.53 3.66
N LEU A 21 0.09 -0.62 2.42
CA LEU A 21 -0.77 -0.94 1.29
C LEU A 21 -1.45 -2.29 1.49
N GLY A 22 -0.81 -3.16 2.26
CA GLY A 22 -1.38 -4.47 2.53
C GLY A 22 -1.41 -4.81 4.01
N ASN A 23 -1.91 -3.88 4.81
CA ASN A 23 -1.99 -4.07 6.25
C ASN A 23 -3.08 -5.08 6.60
N LEU A 24 -4.33 -4.74 6.25
CA LEU A 24 -5.46 -5.62 6.53
C LEU A 24 -6.75 -5.04 5.94
N SER A 25 -7.15 -3.87 6.43
CA SER A 25 -8.35 -3.22 5.97
C SER A 25 -8.20 -2.76 4.51
N ASP A 26 -6.96 -2.46 4.13
CA ASP A 26 -6.67 -2.01 2.78
C ASP A 26 -7.18 -3.02 1.75
N VAL A 27 -6.77 -4.28 1.91
CA VAL A 27 -7.18 -5.34 1.00
C VAL A 27 -8.70 -5.41 0.89
N ASN A 28 -9.38 -5.08 1.98
CA ASN A 28 -10.84 -5.11 2.00
C ASN A 28 -11.43 -4.10 1.03
N GLN A 29 -10.91 -2.86 1.08
CA GLN A 29 -11.38 -1.81 0.20
C GLN A 29 -11.15 -2.17 -1.27
N ALA A 30 -9.95 -2.69 -1.55
CA ALA A 30 -9.60 -3.08 -2.90
C ALA A 30 -10.43 -4.26 -3.38
N SER A 31 -10.91 -5.05 -2.43
CA SER A 31 -11.73 -6.21 -2.75
C SER A 31 -13.07 -5.79 -3.34
N ARG A 32 -13.52 -4.60 -2.97
CA ARG A 32 -14.79 -4.08 -3.46
C ARG A 32 -14.64 -3.48 -4.86
N ILE A 33 -13.54 -2.76 -5.06
CA ILE A 33 -13.27 -2.14 -6.36
C ILE A 33 -12.97 -3.18 -7.42
N ASN A 34 -12.49 -4.34 -6.98
CA ASN A 34 -12.17 -5.43 -7.91
C ASN A 34 -13.43 -6.07 -8.45
N ARG A 35 -14.36 -6.39 -7.57
CA ARG A 35 -15.62 -7.01 -7.96
C ARG A 35 -16.50 -6.02 -8.72
N LYS A 36 -16.36 -4.74 -8.39
CA LYS A 36 -17.15 -3.69 -9.03
C LYS A 36 -16.72 -3.52 -10.49
N LYS A 37 -15.47 -3.85 -10.79
CA LYS A 37 -14.95 -3.75 -12.15
C LYS A 37 -15.45 -4.88 -13.01
N LYS A 38 -15.25 -6.11 -12.56
CA LYS A 38 -15.69 -7.28 -13.30
C LYS A 38 -17.19 -7.52 -13.10
N HIS A 39 -17.82 -6.66 -12.32
CA HIS A 39 -19.25 -6.76 -12.06
C HIS A 39 -19.78 -5.49 -11.41
N GLY A 1 9.59 13.86 -4.64
CA GLY A 1 8.21 13.50 -4.91
C GLY A 1 7.66 12.50 -3.92
N THR A 2 6.43 12.76 -3.45
CA THR A 2 5.80 11.89 -2.48
C THR A 2 5.74 10.44 -2.98
N TRP A 3 5.75 10.28 -4.30
CA TRP A 3 5.70 8.97 -4.91
C TRP A 3 6.96 8.17 -4.59
N ASP A 4 8.05 8.87 -4.33
CA ASP A 4 9.32 8.23 -4.00
C ASP A 4 10.12 9.08 -3.01
N ASP A 5 9.75 9.00 -1.74
CA ASP A 5 10.43 9.76 -0.70
C ASP A 5 9.83 9.47 0.66
N ILE A 6 8.51 9.27 0.70
CA ILE A 6 7.81 8.98 1.94
C ILE A 6 8.21 7.63 2.51
N GLY A 7 8.74 6.76 1.64
CA GLY A 7 9.17 5.45 2.08
C GLY A 7 10.52 5.07 1.52
N GLN A 8 11.24 6.05 0.98
CA GLN A 8 12.56 5.82 0.42
C GLN A 8 13.57 5.48 1.51
N GLY A 9 13.29 5.94 2.73
CA GLY A 9 14.19 5.69 3.84
C GLY A 9 14.19 6.82 4.85
N ILE A 10 13.00 7.27 5.24
CA ILE A 10 12.87 8.36 6.20
C ILE A 10 13.25 7.90 7.61
N GLY A 11 12.84 6.68 7.96
CA GLY A 11 13.15 6.14 9.26
C GLY A 11 12.75 4.69 9.40
N ARG A 12 11.45 4.42 9.33
CA ARG A 12 10.94 3.06 9.45
C ARG A 12 9.70 2.86 8.57
N VAL A 13 9.55 3.73 7.59
CA VAL A 13 8.41 3.66 6.67
C VAL A 13 8.53 2.46 5.74
N ALA A 14 9.76 2.07 5.44
CA ALA A 14 10.01 0.94 4.56
C ALA A 14 9.52 -0.36 5.19
N TYR A 15 10.03 -0.69 6.37
CA TYR A 15 9.63 -1.91 7.06
C TYR A 15 8.15 -1.86 7.43
N TRP A 16 7.65 -0.66 7.66
CA TRP A 16 6.23 -0.49 8.02
C TRP A 16 5.34 -0.73 6.81
N VAL A 17 5.57 0.03 5.75
CA VAL A 17 4.78 -0.10 4.53
C VAL A 17 4.96 -1.48 3.90
N GLY A 18 6.18 -2.00 3.96
CA GLY A 18 6.45 -3.31 3.40
C GLY A 18 5.70 -4.41 4.10
N LYS A 19 5.42 -4.21 5.39
CA LYS A 19 4.70 -5.20 6.18
C LYS A 19 3.21 -5.18 5.85
N ALA A 20 2.68 -4.00 5.54
CA ALA A 20 1.28 -3.85 5.21
C ALA A 20 0.98 -4.43 3.82
N LEU A 21 1.66 -3.91 2.81
CA LEU A 21 1.47 -4.37 1.44
C LEU A 21 1.67 -5.89 1.35
N GLY A 22 2.47 -6.44 2.26
CA GLY A 22 2.72 -7.86 2.26
C GLY A 22 1.72 -8.62 3.10
N ASN A 23 1.12 -7.94 4.07
CA ASN A 23 0.13 -8.55 4.95
C ASN A 23 -1.18 -8.81 4.22
N LEU A 24 -1.94 -7.75 4.01
CA LEU A 24 -3.22 -7.86 3.31
C LEU A 24 -3.72 -6.50 2.86
N SER A 25 -2.79 -5.56 2.70
CA SER A 25 -3.13 -4.21 2.27
C SER A 25 -3.52 -4.18 0.79
N ASP A 26 -2.68 -4.79 -0.04
CA ASP A 26 -2.93 -4.84 -1.47
C ASP A 26 -4.33 -5.39 -1.76
N VAL A 27 -4.60 -6.61 -1.29
CA VAL A 27 -5.89 -7.24 -1.50
C VAL A 27 -7.03 -6.32 -1.08
N ASN A 28 -6.77 -5.50 -0.07
CA ASN A 28 -7.77 -4.56 0.42
C ASN A 28 -8.15 -3.53 -0.65
N GLN A 29 -7.13 -2.96 -1.27
CA GLN A 29 -7.35 -1.96 -2.32
C GLN A 29 -7.93 -2.61 -3.58
N ALA A 30 -7.34 -3.74 -3.97
CA ALA A 30 -7.80 -4.45 -5.16
C ALA A 30 -9.21 -5.00 -4.96
N SER A 31 -9.60 -5.15 -3.70
CA SER A 31 -10.93 -5.68 -3.38
C SER A 31 -12.01 -4.63 -3.66
N ARG A 32 -11.63 -3.36 -3.58
CA ARG A 32 -12.56 -2.27 -3.83
C ARG A 32 -12.75 -2.04 -5.32
N ILE A 33 -11.65 -2.13 -6.08
CA ILE A 33 -11.71 -1.95 -7.52
C ILE A 33 -12.45 -3.09 -8.20
N ASN A 34 -12.46 -4.24 -7.55
CA ASN A 34 -13.14 -5.42 -8.10
C ASN A 34 -14.65 -5.23 -8.04
N ARG A 35 -15.17 -4.96 -6.85
CA ARG A 35 -16.60 -4.77 -6.66
C ARG A 35 -17.09 -3.52 -7.40
N LYS A 36 -16.19 -2.56 -7.58
CA LYS A 36 -16.52 -1.32 -8.26
C LYS A 36 -16.70 -1.56 -9.76
N LYS A 37 -15.98 -2.54 -10.29
CA LYS A 37 -16.07 -2.87 -11.70
C LYS A 37 -17.36 -3.62 -12.01
N LYS A 38 -17.59 -4.73 -11.30
CA LYS A 38 -18.79 -5.53 -11.49
C LYS A 38 -19.99 -4.89 -10.79
N HIS A 39 -19.76 -3.76 -10.15
CA HIS A 39 -20.81 -3.05 -9.44
C HIS A 39 -21.52 -3.99 -8.45
N GLY A 1 16.76 9.84 -6.90
CA GLY A 1 17.49 10.90 -6.23
C GLY A 1 17.88 10.54 -4.81
N THR A 2 17.55 11.41 -3.86
CA THR A 2 17.88 11.17 -2.46
C THR A 2 17.06 12.08 -1.55
N TRP A 3 16.91 13.33 -1.94
CA TRP A 3 16.15 14.30 -1.16
C TRP A 3 14.72 13.81 -0.95
N ASP A 4 14.24 12.97 -1.86
CA ASP A 4 12.88 12.44 -1.77
C ASP A 4 12.85 11.17 -0.94
N ASP A 5 13.99 10.47 -0.89
CA ASP A 5 14.09 9.23 -0.14
C ASP A 5 14.29 9.53 1.35
N ILE A 6 14.58 10.79 1.67
CA ILE A 6 14.79 11.19 3.05
C ILE A 6 13.65 10.73 3.94
N GLY A 7 12.43 10.81 3.43
CA GLY A 7 11.26 10.39 4.19
C GLY A 7 10.76 9.03 3.76
N GLN A 8 11.10 8.61 2.56
CA GLN A 8 10.67 7.33 2.03
C GLN A 8 11.57 6.20 2.54
N GLY A 9 12.61 6.57 3.27
CA GLY A 9 13.53 5.59 3.81
C GLY A 9 14.32 6.11 5.00
N ILE A 10 13.62 6.82 5.89
CA ILE A 10 14.27 7.38 7.08
C ILE A 10 15.05 6.31 7.83
N GLY A 11 14.52 5.09 7.86
CA GLY A 11 15.18 4.00 8.54
C GLY A 11 14.23 2.86 8.87
N ARG A 12 12.94 3.16 8.91
CA ARG A 12 11.92 2.16 9.22
C ARG A 12 10.65 2.40 8.42
N VAL A 13 10.28 3.67 8.29
CA VAL A 13 9.07 4.04 7.55
C VAL A 13 9.06 3.38 6.18
N ALA A 14 10.23 3.19 5.60
CA ALA A 14 10.35 2.57 4.29
C ALA A 14 9.63 1.22 4.25
N TYR A 15 10.18 0.25 4.96
CA TYR A 15 9.58 -1.08 5.01
C TYR A 15 8.12 -1.02 5.45
N TRP A 16 7.84 -0.15 6.41
CA TRP A 16 6.48 0.01 6.92
C TRP A 16 5.51 0.33 5.79
N VAL A 17 5.86 1.32 4.98
CA VAL A 17 5.02 1.72 3.86
C VAL A 17 4.85 0.58 2.85
N GLY A 18 5.93 -0.16 2.64
CA GLY A 18 5.88 -1.28 1.71
C GLY A 18 4.85 -2.32 2.10
N LYS A 19 4.65 -2.49 3.40
CA LYS A 19 3.70 -3.46 3.91
C LYS A 19 2.27 -2.95 3.76
N ALA A 20 2.09 -1.65 4.00
CA ALA A 20 0.77 -1.04 3.89
C ALA A 20 0.34 -0.93 2.42
N LEU A 21 1.31 -0.82 1.53
CA LEU A 21 1.03 -0.71 0.10
C LEU A 21 0.31 -1.95 -0.40
N GLY A 22 0.52 -3.08 0.28
CA GLY A 22 -0.13 -4.32 -0.12
C GLY A 22 -0.83 -4.99 1.04
N ASN A 23 -1.28 -4.21 2.00
CA ASN A 23 -1.98 -4.73 3.16
C ASN A 23 -3.38 -5.21 2.79
N LEU A 24 -4.17 -5.58 3.79
CA LEU A 24 -5.53 -6.05 3.58
C LEU A 24 -6.42 -4.91 3.10
N SER A 25 -6.08 -3.69 3.48
CA SER A 25 -6.85 -2.52 3.10
C SER A 25 -7.05 -2.48 1.58
N ASP A 26 -5.97 -2.71 0.85
CA ASP A 26 -6.02 -2.71 -0.61
C ASP A 26 -7.05 -3.72 -1.12
N VAL A 27 -7.09 -4.89 -0.51
CA VAL A 27 -8.02 -5.93 -0.90
C VAL A 27 -9.46 -5.51 -0.63
N ASN A 28 -9.65 -4.73 0.44
CA ASN A 28 -10.97 -4.26 0.81
C ASN A 28 -11.62 -3.48 -0.34
N GLN A 29 -10.86 -2.55 -0.91
CA GLN A 29 -11.35 -1.73 -2.00
C GLN A 29 -11.55 -2.57 -3.27
N ALA A 30 -10.57 -3.41 -3.57
CA ALA A 30 -10.63 -4.26 -4.74
C ALA A 30 -11.77 -5.27 -4.63
N SER A 31 -12.19 -5.55 -3.40
CA SER A 31 -13.27 -6.49 -3.16
C SER A 31 -14.61 -5.90 -3.58
N ARG A 32 -14.72 -4.58 -3.48
CA ARG A 32 -15.95 -3.88 -3.85
C ARG A 32 -16.06 -3.73 -5.36
N ILE A 33 -14.93 -3.45 -6.00
CA ILE A 33 -14.89 -3.28 -7.45
C ILE A 33 -15.14 -4.62 -8.16
N ASN A 34 -14.81 -5.71 -7.49
CA ASN A 34 -14.99 -7.04 -8.06
C ASN A 34 -16.48 -7.38 -8.17
N ARG A 35 -17.18 -7.30 -7.05
CA ARG A 35 -18.61 -7.61 -7.02
C ARG A 35 -19.38 -6.66 -7.94
N LYS A 36 -18.84 -5.46 -8.14
CA LYS A 36 -19.47 -4.47 -9.00
C LYS A 36 -19.43 -4.90 -10.45
N LYS A 37 -18.39 -5.64 -10.82
CA LYS A 37 -18.23 -6.11 -12.20
C LYS A 37 -19.18 -7.28 -12.48
N LYS A 38 -19.11 -8.30 -11.63
CA LYS A 38 -19.96 -9.47 -11.80
C LYS A 38 -21.37 -9.20 -11.28
N HIS A 39 -21.59 -7.98 -10.78
CA HIS A 39 -22.90 -7.59 -10.26
C HIS A 39 -22.95 -6.09 -10.02
N GLY A 1 6.55 15.45 -2.16
CA GLY A 1 7.67 14.68 -2.64
C GLY A 1 7.93 13.43 -1.81
N THR A 2 9.04 13.43 -1.08
CA THR A 2 9.39 12.30 -0.24
C THR A 2 9.68 11.06 -1.07
N TRP A 3 9.85 11.26 -2.37
CA TRP A 3 10.13 10.16 -3.29
C TRP A 3 11.59 9.71 -3.16
N ASP A 4 12.47 10.65 -2.87
CA ASP A 4 13.89 10.34 -2.72
C ASP A 4 14.22 10.00 -1.27
N ASP A 5 13.41 9.13 -0.68
CA ASP A 5 13.61 8.71 0.70
C ASP A 5 12.83 7.43 1.00
N ILE A 6 11.59 7.38 0.54
CA ILE A 6 10.75 6.21 0.76
C ILE A 6 11.28 5.00 0.01
N GLY A 7 12.03 5.25 -1.07
CA GLY A 7 12.58 4.17 -1.86
C GLY A 7 14.09 4.04 -1.68
N GLN A 8 14.71 5.11 -1.21
CA GLN A 8 16.16 5.11 -1.00
C GLN A 8 16.58 3.92 -0.14
N GLY A 9 15.82 3.66 0.91
CA GLY A 9 16.14 2.54 1.79
C GLY A 9 17.01 2.96 2.97
N ILE A 10 16.57 4.00 3.68
CA ILE A 10 17.31 4.50 4.83
C ILE A 10 17.44 3.43 5.91
N GLY A 11 16.32 3.13 6.57
CA GLY A 11 16.32 2.12 7.62
C GLY A 11 14.96 1.95 8.25
N ARG A 12 14.18 3.02 8.30
CA ARG A 12 12.84 2.98 8.89
C ARG A 12 11.79 2.69 7.82
N VAL A 13 12.08 3.09 6.58
CA VAL A 13 11.16 2.88 5.47
C VAL A 13 10.73 1.42 5.39
N ALA A 14 11.67 0.52 5.63
CA ALA A 14 11.39 -0.91 5.59
C ALA A 14 10.29 -1.28 6.57
N TYR A 15 10.47 -0.88 7.83
CA TYR A 15 9.50 -1.17 8.88
C TYR A 15 8.14 -0.54 8.55
N TRP A 16 8.18 0.62 7.92
CA TRP A 16 6.95 1.32 7.54
C TRP A 16 6.17 0.53 6.50
N VAL A 17 6.84 0.15 5.41
CA VAL A 17 6.20 -0.61 4.35
C VAL A 17 5.48 -1.83 4.90
N GLY A 18 6.15 -2.55 5.80
CA GLY A 18 5.56 -3.74 6.39
C GLY A 18 4.20 -3.47 7.01
N LYS A 19 4.06 -2.30 7.62
CA LYS A 19 2.80 -1.92 8.25
C LYS A 19 1.73 -1.63 7.21
N ALA A 20 2.12 -0.93 6.14
CA ALA A 20 1.20 -0.59 5.07
C ALA A 20 0.70 -1.85 4.36
N LEU A 21 1.55 -2.87 4.31
CA LEU A 21 1.19 -4.12 3.64
C LEU A 21 -0.10 -4.70 4.23
N GLY A 22 -0.37 -4.35 5.49
CA GLY A 22 -1.57 -4.84 6.14
C GLY A 22 -2.39 -3.73 6.76
N ASN A 23 -2.71 -2.71 5.97
CA ASN A 23 -3.49 -1.58 6.46
C ASN A 23 -4.08 -0.79 5.29
N LEU A 24 -4.18 -1.44 4.13
CA LEU A 24 -4.74 -0.80 2.95
C LEU A 24 -4.75 -1.76 1.76
N SER A 25 -3.70 -2.56 1.65
CA SER A 25 -3.58 -3.53 0.57
C SER A 25 -4.83 -4.40 0.48
N ASP A 26 -5.29 -4.88 1.63
CA ASP A 26 -6.48 -5.73 1.69
C ASP A 26 -7.68 -5.00 1.08
N VAL A 27 -7.82 -3.72 1.40
CA VAL A 27 -8.93 -2.92 0.89
C VAL A 27 -8.84 -2.75 -0.62
N ASN A 28 -7.61 -2.72 -1.14
CA ASN A 28 -7.38 -2.56 -2.56
C ASN A 28 -8.06 -3.69 -3.35
N GLN A 29 -7.84 -4.92 -2.90
CA GLN A 29 -8.42 -6.08 -3.55
C GLN A 29 -9.94 -6.11 -3.36
N ALA A 30 -10.38 -5.85 -2.14
CA ALA A 30 -11.81 -5.85 -1.82
C ALA A 30 -12.53 -4.75 -2.59
N SER A 31 -11.79 -3.72 -2.98
CA SER A 31 -12.36 -2.59 -3.71
C SER A 31 -12.72 -2.99 -5.13
N ARG A 32 -11.97 -3.95 -5.68
CA ARG A 32 -12.20 -4.42 -7.03
C ARG A 32 -13.37 -5.40 -7.07
N ILE A 33 -13.46 -6.25 -6.05
CA ILE A 33 -14.54 -7.23 -5.97
C ILE A 33 -15.88 -6.55 -5.71
N ASN A 34 -15.83 -5.37 -5.09
CA ASN A 34 -17.05 -4.62 -4.79
C ASN A 34 -17.70 -4.09 -6.06
N ARG A 35 -16.92 -3.38 -6.86
CA ARG A 35 -17.42 -2.81 -8.10
C ARG A 35 -17.69 -3.92 -9.13
N LYS A 36 -16.98 -5.03 -8.99
CA LYS A 36 -17.15 -6.15 -9.90
C LYS A 36 -18.58 -6.67 -9.87
N LYS A 37 -19.10 -6.89 -8.67
CA LYS A 37 -20.46 -7.38 -8.51
C LYS A 37 -21.47 -6.27 -8.72
N LYS A 38 -21.10 -5.05 -8.31
CA LYS A 38 -21.97 -3.89 -8.46
C LYS A 38 -21.96 -3.38 -9.90
N HIS A 39 -21.17 -4.03 -10.75
CA HIS A 39 -21.07 -3.63 -12.15
C HIS A 39 -22.38 -3.87 -12.88
N GLY A 1 11.34 8.26 -10.83
CA GLY A 1 12.09 8.44 -9.60
C GLY A 1 13.21 7.44 -9.45
N THR A 2 13.88 7.47 -8.30
CA THR A 2 14.99 6.56 -8.04
C THR A 2 15.33 6.53 -6.54
N TRP A 3 15.30 7.69 -5.90
CA TRP A 3 15.59 7.79 -4.49
C TRP A 3 14.55 7.04 -3.66
N ASP A 4 13.35 6.91 -4.20
CA ASP A 4 12.26 6.22 -3.52
C ASP A 4 11.94 6.90 -2.19
N ASP A 5 10.86 7.67 -2.17
CA ASP A 5 10.45 8.37 -0.96
C ASP A 5 9.18 9.20 -1.22
N ILE A 6 9.07 9.72 -2.42
CA ILE A 6 7.92 10.53 -2.80
C ILE A 6 6.65 9.69 -2.85
N GLY A 7 6.82 8.37 -2.80
CA GLY A 7 5.69 7.47 -2.85
C GLY A 7 5.93 6.19 -2.08
N GLN A 8 6.73 6.28 -1.02
CA GLN A 8 7.04 5.11 -0.20
C GLN A 8 7.44 5.53 1.20
N GLY A 9 8.22 6.61 1.30
CA GLY A 9 8.66 7.09 2.59
C GLY A 9 7.77 8.19 3.13
N ILE A 10 6.70 8.48 2.42
CA ILE A 10 5.76 9.53 2.83
C ILE A 10 5.31 9.31 4.27
N GLY A 11 4.45 8.32 4.48
CA GLY A 11 3.95 8.03 5.81
C GLY A 11 2.91 6.93 5.81
N ARG A 12 2.16 6.83 4.72
CA ARG A 12 1.12 5.80 4.61
C ARG A 12 1.66 4.55 3.94
N VAL A 13 2.42 4.74 2.86
CA VAL A 13 3.01 3.61 2.14
C VAL A 13 3.99 2.85 3.00
N ALA A 14 4.61 3.54 3.95
CA ALA A 14 5.57 2.92 4.85
C ALA A 14 4.90 1.87 5.73
N TYR A 15 3.88 2.29 6.48
CA TYR A 15 3.16 1.39 7.36
C TYR A 15 2.45 0.29 6.56
N TRP A 16 2.15 0.60 5.30
CA TRP A 16 1.46 -0.35 4.44
C TRP A 16 2.44 -1.41 3.93
N VAL A 17 3.48 -0.97 3.24
CA VAL A 17 4.48 -1.89 2.70
C VAL A 17 5.08 -2.77 3.80
N GLY A 18 5.59 -2.12 4.85
CA GLY A 18 6.18 -2.85 5.95
C GLY A 18 5.22 -3.85 6.57
N LYS A 19 3.92 -3.53 6.52
CA LYS A 19 2.90 -4.40 7.09
C LYS A 19 2.63 -5.58 6.16
N ALA A 20 2.54 -5.31 4.86
CA ALA A 20 2.29 -6.37 3.88
C ALA A 20 3.50 -7.27 3.72
N LEU A 21 4.69 -6.70 3.92
CA LEU A 21 5.93 -7.46 3.79
C LEU A 21 5.93 -8.68 4.71
N GLY A 22 5.13 -8.59 5.78
CA GLY A 22 5.05 -9.69 6.73
C GLY A 22 3.62 -10.05 7.07
N ASN A 23 2.82 -10.37 6.05
CA ASN A 23 1.43 -10.72 6.24
C ASN A 23 0.85 -11.41 5.00
N LEU A 24 1.17 -10.86 3.83
CA LEU A 24 0.69 -11.41 2.57
C LEU A 24 -0.79 -11.75 2.66
N SER A 25 -1.60 -10.78 3.06
CA SER A 25 -3.03 -10.98 3.18
C SER A 25 -3.76 -9.66 3.37
N ASP A 26 -3.15 -8.76 4.14
CA ASP A 26 -3.73 -7.44 4.38
C ASP A 26 -4.00 -6.70 3.08
N VAL A 27 -3.10 -6.86 2.11
CA VAL A 27 -3.24 -6.22 0.82
C VAL A 27 -4.43 -6.80 0.04
N ASN A 28 -4.70 -8.08 0.25
CA ASN A 28 -5.80 -8.74 -0.42
C ASN A 28 -7.13 -8.06 -0.11
N GLN A 29 -7.36 -7.79 1.17
CA GLN A 29 -8.59 -7.14 1.60
C GLN A 29 -8.63 -5.68 1.14
N ALA A 30 -7.51 -4.98 1.30
CA ALA A 30 -7.41 -3.59 0.90
C ALA A 30 -7.55 -3.45 -0.62
N SER A 31 -7.26 -4.52 -1.34
CA SER A 31 -7.34 -4.51 -2.79
C SER A 31 -8.81 -4.50 -3.24
N ARG A 32 -9.68 -5.08 -2.43
CA ARG A 32 -11.10 -5.14 -2.75
C ARG A 32 -11.78 -3.81 -2.44
N ILE A 33 -11.39 -3.20 -1.33
CA ILE A 33 -11.96 -1.93 -0.92
C ILE A 33 -11.54 -0.80 -1.87
N ASN A 34 -10.39 -0.98 -2.51
CA ASN A 34 -9.87 0.01 -3.44
C ASN A 34 -10.70 0.04 -4.72
N ARG A 35 -10.83 -1.12 -5.37
CA ARG A 35 -11.59 -1.22 -6.60
C ARG A 35 -13.06 -0.88 -6.35
N LYS A 36 -13.52 -1.07 -5.13
CA LYS A 36 -14.90 -0.79 -4.77
C LYS A 36 -15.16 0.71 -4.78
N LYS A 37 -14.19 1.48 -4.30
CA LYS A 37 -14.31 2.93 -4.26
C LYS A 37 -14.08 3.55 -5.64
N LYS A 38 -13.01 3.10 -6.30
CA LYS A 38 -12.69 3.60 -7.63
C LYS A 38 -13.57 2.95 -8.69
N HIS A 39 -14.45 2.06 -8.26
CA HIS A 39 -15.36 1.37 -9.17
C HIS A 39 -16.43 0.61 -8.40
N GLY A 1 8.35 15.94 0.59
CA GLY A 1 8.62 15.43 1.92
C GLY A 1 9.66 16.25 2.66
N THR A 2 10.36 15.63 3.61
CA THR A 2 11.39 16.31 4.38
C THR A 2 12.26 15.31 5.14
N TRP A 3 11.61 14.28 5.70
CA TRP A 3 12.33 13.26 6.45
C TRP A 3 13.47 12.68 5.64
N ASP A 4 13.24 12.52 4.34
CA ASP A 4 14.26 11.97 3.44
C ASP A 4 14.65 10.56 3.87
N ASP A 5 14.14 9.56 3.15
CA ASP A 5 14.44 8.17 3.46
C ASP A 5 13.77 7.24 2.46
N ILE A 6 12.54 7.58 2.08
CA ILE A 6 11.78 6.77 1.14
C ILE A 6 12.45 6.75 -0.24
N GLY A 7 13.21 7.81 -0.53
CA GLY A 7 13.90 7.90 -1.81
C GLY A 7 15.39 7.65 -1.67
N GLN A 8 15.91 7.81 -0.46
CA GLN A 8 17.33 7.61 -0.22
C GLN A 8 17.79 6.24 -0.73
N GLY A 9 16.95 5.23 -0.50
CA GLY A 9 17.29 3.89 -0.95
C GLY A 9 17.82 3.01 0.17
N ILE A 10 17.13 3.01 1.30
CA ILE A 10 17.55 2.22 2.46
C ILE A 10 17.74 0.76 2.07
N GLY A 11 16.67 0.14 1.57
CA GLY A 11 16.74 -1.25 1.17
C GLY A 11 15.37 -1.87 0.97
N ARG A 12 14.38 -1.32 1.66
CA ARG A 12 13.01 -1.82 1.57
C ARG A 12 12.00 -0.69 1.74
N VAL A 13 12.42 0.52 1.43
CA VAL A 13 11.55 1.69 1.55
C VAL A 13 10.27 1.51 0.75
N ALA A 14 10.39 0.91 -0.44
CA ALA A 14 9.24 0.68 -1.29
C ALA A 14 8.26 -0.29 -0.64
N TYR A 15 8.75 -1.46 -0.26
CA TYR A 15 7.92 -2.48 0.37
C TYR A 15 7.39 -1.99 1.72
N TRP A 16 8.12 -1.07 2.34
CA TRP A 16 7.73 -0.52 3.62
C TRP A 16 6.59 0.48 3.46
N VAL A 17 6.84 1.53 2.68
CA VAL A 17 5.83 2.56 2.44
C VAL A 17 4.52 1.94 1.95
N GLY A 18 4.62 1.08 0.94
CA GLY A 18 3.43 0.44 0.41
C GLY A 18 2.74 -0.44 1.41
N LYS A 19 3.51 -1.03 2.32
CA LYS A 19 2.97 -1.89 3.35
C LYS A 19 2.29 -1.08 4.45
N ALA A 20 2.88 0.05 4.80
CA ALA A 20 2.34 0.92 5.83
C ALA A 20 1.08 1.63 5.34
N LEU A 21 1.18 2.29 4.20
CA LEU A 21 0.05 3.01 3.62
C LEU A 21 -1.02 2.03 3.14
N GLY A 22 -0.60 0.82 2.80
CA GLY A 22 -1.55 -0.18 2.33
C GLY A 22 -1.90 -1.19 3.40
N ASN A 23 -1.70 -0.81 4.66
CA ASN A 23 -1.99 -1.69 5.78
C ASN A 23 -3.50 -1.86 5.96
N LEU A 24 -4.26 -0.86 5.52
CA LEU A 24 -5.71 -0.90 5.63
C LEU A 24 -6.34 0.24 4.84
N SER A 25 -7.67 0.30 4.85
CA SER A 25 -8.40 1.34 4.13
C SER A 25 -8.39 1.09 2.63
N ASP A 26 -7.20 1.18 2.03
CA ASP A 26 -7.06 0.95 0.60
C ASP A 26 -7.67 -0.38 0.19
N VAL A 27 -7.42 -1.41 0.99
CA VAL A 27 -7.96 -2.74 0.71
C VAL A 27 -9.48 -2.75 0.84
N ASN A 28 -10.00 -1.93 1.74
CA ASN A 28 -11.44 -1.86 1.96
C ASN A 28 -12.17 -1.47 0.68
N GLN A 29 -11.67 -0.43 0.01
CA GLN A 29 -12.27 0.04 -1.24
C GLN A 29 -12.06 -0.98 -2.36
N ALA A 30 -10.83 -1.45 -2.50
CA ALA A 30 -10.51 -2.43 -3.53
C ALA A 30 -11.28 -3.73 -3.33
N SER A 31 -11.72 -3.96 -2.09
CA SER A 31 -12.48 -5.16 -1.75
C SER A 31 -13.89 -5.10 -2.33
N ARG A 32 -14.41 -3.88 -2.45
CA ARG A 32 -15.75 -3.68 -2.97
C ARG A 32 -15.76 -3.78 -4.49
N ILE A 33 -14.73 -3.23 -5.13
CA ILE A 33 -14.62 -3.27 -6.58
C ILE A 33 -14.37 -4.69 -7.08
N ASN A 34 -13.77 -5.51 -6.23
CA ASN A 34 -13.47 -6.89 -6.58
C ASN A 34 -14.75 -7.71 -6.73
N ARG A 35 -15.58 -7.70 -5.68
CA ARG A 35 -16.83 -8.44 -5.69
C ARG A 35 -17.79 -7.87 -6.74
N LYS A 36 -17.62 -6.58 -7.05
CA LYS A 36 -18.47 -5.91 -8.02
C LYS A 36 -18.21 -6.45 -9.42
N LYS A 37 -16.93 -6.65 -9.75
CA LYS A 37 -16.56 -7.17 -11.07
C LYS A 37 -16.75 -8.68 -11.13
N LYS A 38 -16.36 -9.37 -10.06
CA LYS A 38 -16.50 -10.82 -10.00
C LYS A 38 -17.93 -11.22 -9.68
N HIS A 39 -18.79 -10.22 -9.50
CA HIS A 39 -20.20 -10.47 -9.19
C HIS A 39 -20.33 -11.35 -7.95
N GLY A 1 5.45 13.41 -1.03
CA GLY A 1 5.27 12.57 -2.19
C GLY A 1 4.39 11.37 -1.90
N THR A 2 4.38 10.40 -2.81
CA THR A 2 3.58 9.20 -2.66
C THR A 2 3.90 8.17 -3.73
N TRP A 3 4.07 8.64 -4.97
CA TRP A 3 4.38 7.77 -6.09
C TRP A 3 5.82 7.28 -6.01
N ASP A 4 6.69 8.08 -5.41
CA ASP A 4 8.09 7.73 -5.26
C ASP A 4 8.67 8.28 -3.97
N ASP A 5 8.40 7.60 -2.87
CA ASP A 5 8.88 8.02 -1.56
C ASP A 5 8.45 7.03 -0.48
N ILE A 6 7.20 6.58 -0.54
CA ILE A 6 6.67 5.64 0.43
C ILE A 6 7.44 4.32 0.39
N GLY A 7 8.01 4.01 -0.77
CA GLY A 7 8.77 2.78 -0.92
C GLY A 7 10.25 3.03 -1.13
N GLN A 8 10.59 4.25 -1.54
CA GLN A 8 11.98 4.61 -1.77
C GLN A 8 12.84 4.29 -0.55
N GLY A 9 12.22 4.33 0.63
CA GLY A 9 12.94 4.05 1.86
C GLY A 9 13.43 5.30 2.55
N ILE A 10 12.53 6.26 2.74
CA ILE A 10 12.87 7.51 3.39
C ILE A 10 13.55 7.26 4.75
N GLY A 11 13.08 6.23 5.44
CA GLY A 11 13.65 5.90 6.74
C GLY A 11 12.71 5.04 7.58
N ARG A 12 11.43 5.09 7.26
CA ARG A 12 10.42 4.32 7.98
C ARG A 12 9.34 3.82 7.06
N VAL A 13 8.93 4.67 6.12
CA VAL A 13 7.88 4.31 5.16
C VAL A 13 8.18 2.97 4.50
N ALA A 14 9.46 2.67 4.33
CA ALA A 14 9.88 1.42 3.71
C ALA A 14 9.32 0.22 4.47
N TYR A 15 9.83 0.00 5.69
CA TYR A 15 9.39 -1.12 6.52
C TYR A 15 7.86 -1.11 6.66
N TRP A 16 7.28 0.08 6.69
CA TRP A 16 5.84 0.23 6.83
C TRP A 16 5.11 -0.52 5.71
N VAL A 17 5.45 -0.19 4.46
CA VAL A 17 4.84 -0.83 3.31
C VAL A 17 5.01 -2.34 3.35
N GLY A 18 6.24 -2.78 3.62
CA GLY A 18 6.52 -4.20 3.69
C GLY A 18 5.59 -4.93 4.64
N LYS A 19 5.22 -4.26 5.73
CA LYS A 19 4.34 -4.85 6.73
C LYS A 19 2.89 -4.85 6.23
N ALA A 20 2.50 -3.79 5.53
CA ALA A 20 1.16 -3.67 5.00
C ALA A 20 0.94 -4.64 3.83
N LEU A 21 2.01 -4.97 3.14
CA LEU A 21 1.93 -5.88 2.00
C LEU A 21 1.32 -7.21 2.41
N GLY A 22 1.62 -7.65 3.62
CA GLY A 22 1.08 -8.90 4.11
C GLY A 22 0.11 -8.71 5.27
N ASN A 23 -0.46 -7.51 5.35
CA ASN A 23 -1.40 -7.20 6.42
C ASN A 23 -2.71 -7.97 6.23
N LEU A 24 -3.01 -8.31 4.98
CA LEU A 24 -4.23 -9.05 4.67
C LEU A 24 -5.46 -8.16 4.76
N SER A 25 -5.76 -7.71 5.97
CA SER A 25 -6.91 -6.84 6.20
C SER A 25 -6.88 -5.64 5.25
N ASP A 26 -5.73 -4.98 5.19
CA ASP A 26 -5.57 -3.81 4.32
C ASP A 26 -5.89 -4.16 2.87
N VAL A 27 -5.38 -5.30 2.42
CA VAL A 27 -5.61 -5.74 1.05
C VAL A 27 -7.09 -5.98 0.79
N ASN A 28 -7.80 -6.41 1.83
CA ASN A 28 -9.23 -6.68 1.72
C ASN A 28 -9.98 -5.44 1.26
N GLN A 29 -9.70 -4.31 1.91
CA GLN A 29 -10.35 -3.05 1.56
C GLN A 29 -9.90 -2.56 0.19
N ALA A 30 -8.59 -2.62 -0.05
CA ALA A 30 -8.03 -2.19 -1.33
C ALA A 30 -8.54 -3.06 -2.47
N SER A 31 -8.96 -4.28 -2.15
CA SER A 31 -9.47 -5.21 -3.15
C SER A 31 -10.85 -4.77 -3.65
N ARG A 32 -11.60 -4.11 -2.78
CA ARG A 32 -12.93 -3.64 -3.13
C ARG A 32 -12.86 -2.36 -3.97
N ILE A 33 -11.93 -1.48 -3.61
CA ILE A 33 -11.76 -0.22 -4.32
C ILE A 33 -11.20 -0.46 -5.73
N ASN A 34 -10.49 -1.57 -5.89
CA ASN A 34 -9.89 -1.91 -7.18
C ASN A 34 -10.98 -2.30 -8.19
N ARG A 35 -11.80 -3.29 -7.82
CA ARG A 35 -12.86 -3.75 -8.68
C ARG A 35 -13.88 -2.63 -8.95
N LYS A 36 -13.96 -1.69 -8.03
CA LYS A 36 -14.89 -0.57 -8.17
C LYS A 36 -14.47 0.33 -9.32
N LYS A 37 -13.16 0.57 -9.45
CA LYS A 37 -12.64 1.41 -10.52
C LYS A 37 -12.60 0.66 -11.84
N LYS A 38 -12.18 -0.60 -11.79
CA LYS A 38 -12.11 -1.43 -12.99
C LYS A 38 -13.48 -1.95 -13.38
N HIS A 39 -14.49 -1.60 -12.58
CA HIS A 39 -15.86 -2.02 -12.84
C HIS A 39 -16.85 -1.21 -12.02
N GLY A 1 17.84 12.20 -5.57
CA GLY A 1 17.03 12.97 -4.64
C GLY A 1 16.96 12.32 -3.27
N THR A 2 15.93 12.69 -2.50
CA THR A 2 15.75 12.14 -1.16
C THR A 2 14.29 12.20 -0.73
N TRP A 3 13.64 13.32 -1.03
CA TRP A 3 12.23 13.50 -0.68
C TRP A 3 11.34 12.60 -1.53
N ASP A 4 11.82 12.24 -2.72
CA ASP A 4 11.07 11.38 -3.62
C ASP A 4 11.26 9.91 -3.26
N ASP A 5 12.38 9.60 -2.62
CA ASP A 5 12.68 8.23 -2.21
C ASP A 5 11.93 7.86 -0.94
N ILE A 6 11.31 8.86 -0.31
CA ILE A 6 10.54 8.64 0.92
C ILE A 6 9.56 7.49 0.75
N GLY A 7 8.91 7.44 -0.41
CA GLY A 7 7.95 6.39 -0.68
C GLY A 7 8.48 5.33 -1.61
N GLN A 8 9.53 5.67 -2.35
CA GLN A 8 10.14 4.74 -3.29
C GLN A 8 10.76 3.55 -2.55
N GLY A 9 11.47 3.84 -1.47
CA GLY A 9 12.11 2.79 -0.70
C GLY A 9 13.49 3.18 -0.21
N ILE A 10 13.62 4.42 0.26
CA ILE A 10 14.90 4.92 0.75
C ILE A 10 15.49 3.97 1.79
N GLY A 11 14.62 3.31 2.56
CA GLY A 11 15.07 2.39 3.57
C GLY A 11 14.09 1.26 3.81
N ARG A 12 12.99 1.56 4.50
CA ARG A 12 11.97 0.56 4.78
C ARG A 12 10.58 1.20 4.84
N VAL A 13 10.47 2.38 4.25
CA VAL A 13 9.19 3.10 4.23
C VAL A 13 8.19 2.42 3.30
N ALA A 14 8.70 1.81 2.23
CA ALA A 14 7.86 1.12 1.27
C ALA A 14 7.16 -0.09 1.91
N TYR A 15 7.95 -0.97 2.49
CA TYR A 15 7.41 -2.17 3.14
C TYR A 15 6.56 -1.79 4.35
N TRP A 16 6.87 -0.63 4.94
CA TRP A 16 6.13 -0.16 6.11
C TRP A 16 4.78 0.41 5.71
N VAL A 17 4.79 1.42 4.84
CA VAL A 17 3.57 2.06 4.38
C VAL A 17 2.62 1.04 3.78
N GLY A 18 3.15 0.20 2.90
CA GLY A 18 2.32 -0.82 2.27
C GLY A 18 1.75 -1.81 3.26
N LYS A 19 2.49 -2.06 4.33
CA LYS A 19 2.04 -3.00 5.37
C LYS A 19 0.98 -2.35 6.25
N ALA A 20 1.16 -1.07 6.55
CA ALA A 20 0.21 -0.35 7.39
C ALA A 20 -1.09 -0.08 6.65
N LEU A 21 -0.98 0.60 5.51
CA LEU A 21 -2.15 0.92 4.70
C LEU A 21 -2.75 -0.34 4.08
N GLY A 22 -1.92 -1.36 3.89
CA GLY A 22 -2.38 -2.60 3.32
C GLY A 22 -2.63 -3.67 4.37
N ASN A 23 -2.77 -3.25 5.61
CA ASN A 23 -3.01 -4.18 6.72
C ASN A 23 -4.42 -4.75 6.66
N LEU A 24 -4.79 -5.51 7.68
CA LEU A 24 -6.11 -6.10 7.75
C LEU A 24 -7.19 -5.03 7.70
N SER A 25 -8.42 -5.46 7.39
CA SER A 25 -9.55 -4.54 7.30
C SER A 25 -9.47 -3.71 6.02
N ASP A 26 -8.45 -2.88 5.92
CA ASP A 26 -8.27 -2.04 4.74
C ASP A 26 -8.31 -2.87 3.46
N VAL A 27 -7.65 -4.03 3.49
CA VAL A 27 -7.63 -4.91 2.33
C VAL A 27 -9.01 -5.48 2.04
N ASN A 28 -9.79 -5.68 3.09
CA ASN A 28 -11.14 -6.23 2.95
C ASN A 28 -11.99 -5.34 2.05
N GLN A 29 -11.96 -4.04 2.30
CA GLN A 29 -12.73 -3.09 1.52
C GLN A 29 -12.17 -2.97 0.11
N ALA A 30 -10.85 -2.84 0.01
CA ALA A 30 -10.18 -2.72 -1.29
C ALA A 30 -10.38 -3.97 -2.12
N SER A 31 -10.66 -5.09 -1.44
CA SER A 31 -10.86 -6.36 -2.12
C SER A 31 -12.20 -6.38 -2.86
N ARG A 32 -13.16 -5.63 -2.32
CA ARG A 32 -14.49 -5.57 -2.93
C ARG A 32 -14.49 -4.63 -4.14
N ILE A 33 -13.78 -3.51 -4.01
CA ILE A 33 -13.70 -2.54 -5.10
C ILE A 33 -12.91 -3.10 -6.28
N ASN A 34 -12.02 -4.03 -6.00
CA ASN A 34 -11.20 -4.64 -7.04
C ASN A 34 -12.07 -5.44 -8.01
N ARG A 35 -12.83 -6.38 -7.48
CA ARG A 35 -13.70 -7.21 -8.31
C ARG A 35 -14.73 -6.35 -9.04
N LYS A 36 -15.06 -5.19 -8.46
CA LYS A 36 -16.03 -4.28 -9.06
C LYS A 36 -15.47 -3.65 -10.33
N LYS A 37 -14.20 -3.24 -10.27
CA LYS A 37 -13.55 -2.62 -11.42
C LYS A 37 -13.15 -3.67 -12.45
N LYS A 38 -12.60 -4.78 -11.96
CA LYS A 38 -12.16 -5.87 -12.84
C LYS A 38 -13.36 -6.70 -13.29
N HIS A 39 -14.54 -6.34 -12.83
CA HIS A 39 -15.76 -7.07 -13.17
C HIS A 39 -15.63 -8.55 -12.83
N GLY A 1 4.66 12.02 2.18
CA GLY A 1 4.39 13.10 1.26
C GLY A 1 3.72 12.63 -0.02
N THR A 2 3.29 13.58 -0.85
CA THR A 2 2.63 13.26 -2.10
C THR A 2 3.63 12.73 -3.13
N TRP A 3 4.88 13.12 -2.98
CA TRP A 3 5.93 12.68 -3.91
C TRP A 3 6.23 11.20 -3.71
N ASP A 4 5.99 10.69 -2.51
CA ASP A 4 6.24 9.30 -2.20
C ASP A 4 7.71 8.95 -2.39
N ASP A 5 8.45 8.86 -1.29
CA ASP A 5 9.87 8.55 -1.33
C ASP A 5 10.47 8.50 0.07
N ILE A 6 9.97 9.38 0.93
CA ILE A 6 10.45 9.44 2.31
C ILE A 6 10.07 8.18 3.09
N GLY A 7 9.19 7.38 2.51
CA GLY A 7 8.75 6.15 3.16
C GLY A 7 9.01 4.93 2.31
N GLN A 8 9.21 5.14 1.02
CA GLN A 8 9.46 4.04 0.10
C GLN A 8 10.94 3.64 0.11
N GLY A 9 11.79 4.50 -0.44
CA GLY A 9 13.21 4.23 -0.47
C GLY A 9 14.04 5.39 0.06
N ILE A 10 14.35 5.34 1.35
CA ILE A 10 15.14 6.39 1.98
C ILE A 10 15.70 5.93 3.32
N GLY A 11 14.92 5.13 4.03
CA GLY A 11 15.34 4.64 5.33
C GLY A 11 14.27 3.82 6.03
N ARG A 12 13.02 4.15 5.75
CA ARG A 12 11.89 3.46 6.36
C ARG A 12 11.40 2.33 5.46
N VAL A 13 12.31 1.78 4.66
CA VAL A 13 11.96 0.70 3.74
C VAL A 13 11.70 -0.60 4.52
N ALA A 14 12.43 -0.79 5.61
CA ALA A 14 12.27 -1.98 6.43
C ALA A 14 10.89 -2.04 7.06
N TYR A 15 10.53 -0.98 7.78
CA TYR A 15 9.23 -0.92 8.43
C TYR A 15 8.10 -0.89 7.41
N TRP A 16 8.41 -0.39 6.22
CA TRP A 16 7.42 -0.31 5.15
C TRP A 16 7.19 -1.68 4.51
N VAL A 17 8.27 -2.26 3.98
CA VAL A 17 8.17 -3.56 3.34
C VAL A 17 7.58 -4.60 4.27
N GLY A 18 8.09 -4.65 5.50
CA GLY A 18 7.58 -5.60 6.48
C GLY A 18 6.13 -5.36 6.82
N LYS A 19 5.72 -4.09 6.78
CA LYS A 19 4.34 -3.73 7.10
C LYS A 19 3.41 -4.06 5.94
N ALA A 20 3.89 -3.85 4.72
CA ALA A 20 3.10 -4.14 3.53
C ALA A 20 2.94 -5.64 3.31
N LEU A 21 4.06 -6.31 3.06
CA LEU A 21 4.04 -7.75 2.83
C LEU A 21 3.38 -8.48 4.00
N GLY A 22 3.53 -7.92 5.20
CA GLY A 22 2.93 -8.52 6.38
C GLY A 22 1.46 -8.21 6.51
N ASN A 23 1.02 -7.15 5.84
CA ASN A 23 -0.38 -6.74 5.88
C ASN A 23 -1.27 -7.78 5.20
N LEU A 24 -2.54 -7.43 5.02
CA LEU A 24 -3.50 -8.32 4.38
C LEU A 24 -4.77 -7.58 4.00
N SER A 25 -5.26 -6.75 4.92
CA SER A 25 -6.47 -5.98 4.70
C SER A 25 -6.39 -5.21 3.37
N ASP A 26 -5.18 -4.83 3.00
CA ASP A 26 -4.96 -4.08 1.76
C ASP A 26 -5.57 -4.82 0.58
N VAL A 27 -5.14 -6.06 0.36
CA VAL A 27 -5.65 -6.87 -0.74
C VAL A 27 -7.18 -6.88 -0.76
N ASN A 28 -7.77 -6.79 0.43
CA ASN A 28 -9.22 -6.80 0.56
C ASN A 28 -9.83 -5.55 -0.09
N GLN A 29 -9.18 -4.41 0.12
CA GLN A 29 -9.65 -3.15 -0.45
C GLN A 29 -9.52 -3.15 -1.97
N ALA A 30 -8.39 -3.65 -2.46
CA ALA A 30 -8.15 -3.70 -3.90
C ALA A 30 -9.19 -4.56 -4.60
N SER A 31 -9.54 -5.70 -3.99
CA SER A 31 -10.53 -6.60 -4.56
C SER A 31 -11.92 -5.98 -4.52
N ARG A 32 -12.12 -5.04 -3.60
CA ARG A 32 -13.41 -4.37 -3.45
C ARG A 32 -13.56 -3.26 -4.48
N ILE A 33 -12.50 -2.48 -4.67
CA ILE A 33 -12.51 -1.38 -5.62
C ILE A 33 -12.64 -1.90 -7.05
N ASN A 34 -12.18 -3.13 -7.27
CA ASN A 34 -12.23 -3.75 -8.59
C ASN A 34 -13.67 -4.03 -9.00
N ARG A 35 -14.39 -4.74 -8.14
CA ARG A 35 -15.78 -5.08 -8.41
C ARG A 35 -16.67 -3.84 -8.36
N LYS A 36 -16.23 -2.85 -7.59
CA LYS A 36 -16.98 -1.61 -7.45
C LYS A 36 -16.97 -0.80 -8.75
N LYS A 37 -15.77 -0.66 -9.33
CA LYS A 37 -15.62 0.08 -10.57
C LYS A 37 -16.17 -0.71 -11.76
N LYS A 38 -15.82 -2.00 -11.81
CA LYS A 38 -16.28 -2.87 -12.88
C LYS A 38 -17.72 -3.32 -12.64
N HIS A 39 -18.30 -2.87 -11.53
CA HIS A 39 -19.66 -3.23 -11.19
C HIS A 39 -19.84 -4.74 -11.15
N GLY A 1 -0.54 15.77 -6.64
CA GLY A 1 0.07 14.47 -6.43
C GLY A 1 -0.90 13.34 -6.70
N THR A 2 -1.29 12.63 -5.64
CA THR A 2 -2.22 11.51 -5.76
C THR A 2 -1.60 10.37 -6.57
N TRP A 3 -0.29 10.44 -6.77
CA TRP A 3 0.42 9.41 -7.52
C TRP A 3 0.61 8.15 -6.68
N ASP A 4 0.76 8.33 -5.37
CA ASP A 4 0.95 7.21 -4.47
C ASP A 4 2.20 6.42 -4.83
N ASP A 5 3.27 6.62 -4.06
CA ASP A 5 4.52 5.92 -4.30
C ASP A 5 5.57 6.33 -3.27
N ILE A 6 5.54 7.58 -2.86
CA ILE A 6 6.49 8.09 -1.87
C ILE A 6 6.26 7.45 -0.51
N GLY A 7 5.08 6.88 -0.32
CA GLY A 7 4.75 6.23 0.94
C GLY A 7 5.06 4.75 0.92
N GLN A 8 4.85 4.11 -0.22
CA GLN A 8 5.10 2.68 -0.35
C GLN A 8 6.58 2.42 -0.63
N GLY A 9 7.20 3.30 -1.40
CA GLY A 9 8.61 3.14 -1.72
C GLY A 9 9.40 4.41 -1.48
N ILE A 10 10.13 4.45 -0.37
CA ILE A 10 10.94 5.61 -0.02
C ILE A 10 11.95 5.28 1.06
N GLY A 11 11.55 4.43 2.01
CA GLY A 11 12.42 4.04 3.08
C GLY A 11 11.70 3.27 4.18
N ARG A 12 10.40 3.53 4.32
CA ARG A 12 9.60 2.86 5.33
C ARG A 12 8.93 1.62 4.76
N VAL A 13 9.49 1.08 3.69
CA VAL A 13 8.95 -0.11 3.04
C VAL A 13 9.09 -1.32 3.94
N ALA A 14 10.13 -1.33 4.77
CA ALA A 14 10.37 -2.43 5.68
C ALA A 14 9.25 -2.55 6.72
N TYR A 15 9.05 -1.48 7.49
CA TYR A 15 8.03 -1.46 8.52
C TYR A 15 6.63 -1.60 7.90
N TRP A 16 6.49 -1.12 6.67
CA TRP A 16 5.21 -1.19 5.97
C TRP A 16 4.92 -2.62 5.52
N VAL A 17 5.84 -3.19 4.73
CA VAL A 17 5.68 -4.55 4.23
C VAL A 17 5.67 -5.55 5.38
N GLY A 18 6.50 -5.31 6.38
CA GLY A 18 6.56 -6.20 7.53
C GLY A 18 5.26 -6.26 8.30
N LYS A 19 4.51 -5.16 8.26
CA LYS A 19 3.23 -5.08 8.97
C LYS A 19 2.15 -5.85 8.21
N ALA A 20 2.22 -5.82 6.89
CA ALA A 20 1.25 -6.51 6.05
C ALA A 20 1.46 -8.02 6.11
N LEU A 21 2.70 -8.45 5.96
CA LEU A 21 3.03 -9.87 5.99
C LEU A 21 2.53 -10.52 7.28
N GLY A 22 2.41 -9.71 8.33
CA GLY A 22 1.94 -10.22 9.60
C GLY A 22 0.44 -10.11 9.75
N ASN A 23 -0.12 -8.98 9.37
CA ASN A 23 -1.57 -8.76 9.45
C ASN A 23 -2.31 -9.64 8.45
N LEU A 24 -2.00 -9.47 7.18
CA LEU A 24 -2.65 -10.26 6.12
C LEU A 24 -4.14 -9.94 6.04
N SER A 25 -4.45 -8.68 5.73
CA SER A 25 -5.84 -8.25 5.61
C SER A 25 -5.92 -6.83 5.06
N ASP A 26 -4.98 -5.98 5.47
CA ASP A 26 -4.94 -4.60 5.01
C ASP A 26 -4.87 -4.53 3.49
N VAL A 27 -4.08 -5.43 2.91
CA VAL A 27 -3.91 -5.47 1.46
C VAL A 27 -5.22 -5.88 0.77
N ASN A 28 -6.00 -6.71 1.44
CA ASN A 28 -7.26 -7.18 0.88
C ASN A 28 -8.19 -6.01 0.58
N GLN A 29 -8.32 -5.10 1.55
CA GLN A 29 -9.17 -3.93 1.39
C GLN A 29 -8.59 -2.96 0.35
N ALA A 30 -7.29 -2.72 0.44
CA ALA A 30 -6.61 -1.83 -0.49
C ALA A 30 -6.65 -2.37 -1.91
N SER A 31 -6.81 -3.69 -2.03
CA SER A 31 -6.86 -4.35 -3.32
C SER A 31 -8.17 -4.02 -4.05
N ARG A 32 -9.23 -3.79 -3.26
CA ARG A 32 -10.53 -3.48 -3.83
C ARG A 32 -10.59 -2.02 -4.26
N ILE A 33 -9.99 -1.14 -3.46
CA ILE A 33 -9.99 0.29 -3.77
C ILE A 33 -9.11 0.58 -4.98
N ASN A 34 -8.14 -0.28 -5.22
CA ASN A 34 -7.23 -0.11 -6.35
C ASN A 34 -7.97 -0.30 -7.67
N ARG A 35 -8.62 -1.45 -7.82
CA ARG A 35 -9.36 -1.75 -9.04
C ARG A 35 -10.54 -0.80 -9.21
N LYS A 36 -11.04 -0.28 -8.09
CA LYS A 36 -12.17 0.64 -8.11
C LYS A 36 -11.75 2.00 -8.65
N LYS A 37 -10.58 2.46 -8.24
CA LYS A 37 -10.06 3.75 -8.69
C LYS A 37 -9.66 3.68 -10.17
N LYS A 38 -8.87 2.68 -10.52
CA LYS A 38 -8.43 2.51 -11.91
C LYS A 38 -9.52 1.88 -12.76
N HIS A 39 -10.66 1.60 -12.13
CA HIS A 39 -11.79 1.00 -12.83
C HIS A 39 -11.35 -0.25 -13.59
N GLY A 1 15.02 17.48 -5.52
CA GLY A 1 14.16 16.51 -4.86
C GLY A 1 12.69 16.85 -5.00
N THR A 2 12.06 17.23 -3.90
CA THR A 2 10.65 17.58 -3.92
C THR A 2 9.78 16.38 -4.25
N TRP A 3 10.38 15.19 -4.20
CA TRP A 3 9.67 13.96 -4.50
C TRP A 3 8.75 13.56 -3.35
N ASP A 4 9.18 13.87 -2.13
CA ASP A 4 8.40 13.55 -0.94
C ASP A 4 8.26 12.04 -0.77
N ASP A 5 9.09 11.29 -1.50
CA ASP A 5 9.06 9.83 -1.44
C ASP A 5 9.80 9.33 -0.20
N ILE A 6 10.54 10.23 0.45
CA ILE A 6 11.30 9.88 1.64
C ILE A 6 10.42 9.17 2.67
N GLY A 7 9.13 9.51 2.67
CA GLY A 7 8.21 8.90 3.61
C GLY A 7 7.19 8.01 2.92
N GLN A 8 7.53 7.54 1.71
CA GLN A 8 6.64 6.68 0.95
C GLN A 8 7.43 5.77 0.01
N GLY A 9 8.72 5.60 0.32
CA GLY A 9 9.57 4.76 -0.51
C GLY A 9 11.04 5.04 -0.30
N ILE A 10 11.62 4.40 0.70
CA ILE A 10 13.04 4.59 1.00
C ILE A 10 13.55 3.50 1.94
N GLY A 11 12.70 3.08 2.87
CA GLY A 11 13.09 2.05 3.81
C GLY A 11 12.00 1.74 4.82
N ARG A 12 11.20 2.76 5.14
CA ARG A 12 10.11 2.59 6.11
C ARG A 12 8.96 1.81 5.49
N VAL A 13 8.84 1.88 4.17
CA VAL A 13 7.78 1.19 3.45
C VAL A 13 7.93 -0.32 3.57
N ALA A 14 9.17 -0.77 3.75
CA ALA A 14 9.46 -2.20 3.89
C ALA A 14 8.81 -2.77 5.14
N TYR A 15 9.20 -2.24 6.30
CA TYR A 15 8.65 -2.69 7.58
C TYR A 15 7.15 -2.46 7.65
N TRP A 16 6.68 -1.47 6.89
CA TRP A 16 5.26 -1.14 6.87
C TRP A 16 4.48 -2.17 6.04
N VAL A 17 4.85 -2.30 4.77
CA VAL A 17 4.18 -3.23 3.87
C VAL A 17 4.28 -4.66 4.40
N GLY A 18 5.46 -5.03 4.87
CA GLY A 18 5.67 -6.36 5.40
C GLY A 18 4.64 -6.74 6.44
N LYS A 19 4.16 -5.76 7.19
CA LYS A 19 3.17 -5.98 8.23
C LYS A 19 1.79 -6.17 7.62
N ALA A 20 1.44 -5.32 6.66
CA ALA A 20 0.15 -5.38 6.00
C ALA A 20 -0.02 -6.71 5.28
N LEU A 21 1.07 -7.24 4.74
CA LEU A 21 1.03 -8.51 4.03
C LEU A 21 0.36 -9.59 4.87
N GLY A 22 0.50 -9.47 6.19
CA GLY A 22 -0.10 -10.45 7.10
C GLY A 22 -0.90 -9.79 8.20
N ASN A 23 -1.91 -9.00 7.83
CA ASN A 23 -2.74 -8.33 8.80
C ASN A 23 -4.02 -7.82 8.15
N LEU A 24 -3.90 -7.31 6.93
CA LEU A 24 -5.05 -6.78 6.19
C LEU A 24 -4.71 -6.59 4.72
N SER A 25 -3.78 -7.38 4.23
CA SER A 25 -3.35 -7.29 2.83
C SER A 25 -4.45 -7.80 1.90
N ASP A 26 -5.11 -8.87 2.31
CA ASP A 26 -6.19 -9.46 1.52
C ASP A 26 -7.30 -8.44 1.27
N VAL A 27 -7.78 -7.82 2.34
CA VAL A 27 -8.83 -6.82 2.24
C VAL A 27 -8.44 -5.69 1.30
N ASN A 28 -7.14 -5.38 1.26
CA ASN A 28 -6.63 -4.32 0.41
C ASN A 28 -6.93 -4.62 -1.07
N GLN A 29 -6.64 -5.84 -1.48
CA GLN A 29 -6.87 -6.25 -2.86
C GLN A 29 -8.37 -6.34 -3.15
N ALA A 30 -9.10 -6.96 -2.24
CA ALA A 30 -10.55 -7.11 -2.40
C ALA A 30 -11.25 -5.76 -2.37
N SER A 31 -10.59 -4.77 -1.78
CA SER A 31 -11.16 -3.43 -1.69
C SER A 31 -11.13 -2.73 -3.05
N ARG A 32 -10.17 -3.12 -3.87
CA ARG A 32 -10.02 -2.52 -5.21
C ARG A 32 -11.02 -3.15 -6.18
N ILE A 33 -11.19 -4.46 -6.09
CA ILE A 33 -12.12 -5.17 -6.96
C ILE A 33 -13.56 -4.79 -6.66
N ASN A 34 -13.82 -4.36 -5.44
CA ASN A 34 -15.15 -3.97 -5.02
C ASN A 34 -15.59 -2.69 -5.72
N ARG A 35 -14.77 -1.65 -5.61
CA ARG A 35 -15.06 -0.37 -6.24
C ARG A 35 -15.07 -0.50 -7.76
N LYS A 36 -14.32 -1.47 -8.26
CA LYS A 36 -14.24 -1.70 -9.71
C LYS A 36 -15.57 -2.23 -10.24
N LYS A 37 -16.30 -2.94 -9.41
CA LYS A 37 -17.60 -3.49 -9.80
C LYS A 37 -18.67 -2.42 -9.79
N LYS A 38 -18.77 -1.68 -8.68
CA LYS A 38 -19.75 -0.63 -8.55
C LYS A 38 -19.31 0.63 -9.29
N HIS A 39 -18.13 0.57 -9.91
CA HIS A 39 -17.59 1.70 -10.65
C HIS A 39 -17.56 2.96 -9.79
N GLY A 1 10.73 21.18 -4.55
CA GLY A 1 10.64 19.77 -4.88
C GLY A 1 9.28 19.39 -5.42
N THR A 2 9.11 18.11 -5.75
CA THR A 2 7.85 17.62 -6.29
C THR A 2 7.75 16.11 -6.15
N TRP A 3 8.85 15.42 -6.40
CA TRP A 3 8.88 13.96 -6.31
C TRP A 3 8.53 13.51 -4.90
N ASP A 4 9.35 13.90 -3.94
CA ASP A 4 9.14 13.52 -2.54
C ASP A 4 9.25 12.01 -2.36
N ASP A 5 9.80 11.34 -3.35
CA ASP A 5 9.97 9.89 -3.30
C ASP A 5 11.18 9.51 -2.45
N ILE A 6 12.01 10.51 -2.13
CA ILE A 6 13.20 10.28 -1.33
C ILE A 6 12.86 9.51 -0.05
N GLY A 7 11.66 9.73 0.46
CA GLY A 7 11.23 9.05 1.68
C GLY A 7 10.08 8.10 1.43
N GLN A 8 9.41 8.26 0.30
CA GLN A 8 8.28 7.40 -0.05
C GLN A 8 8.76 6.02 -0.48
N GLY A 9 9.99 5.96 -0.97
CA GLY A 9 10.55 4.69 -1.41
C GLY A 9 11.54 4.11 -0.43
N ILE A 10 11.76 4.83 0.67
CA ILE A 10 12.69 4.38 1.69
C ILE A 10 12.51 5.15 2.99
N GLY A 11 12.58 4.45 4.12
CA GLY A 11 12.42 5.08 5.40
C GLY A 11 11.56 4.28 6.35
N ARG A 12 10.35 3.93 5.90
CA ARG A 12 9.42 3.16 6.71
C ARG A 12 8.60 2.21 5.84
N VAL A 13 9.03 2.03 4.60
CA VAL A 13 8.33 1.16 3.66
C VAL A 13 8.53 -0.31 4.03
N ALA A 14 9.64 -0.60 4.71
CA ALA A 14 9.94 -1.96 5.13
C ALA A 14 8.92 -2.47 6.15
N TYR A 15 8.83 -1.78 7.28
CA TYR A 15 7.90 -2.16 8.33
C TYR A 15 6.46 -2.04 7.85
N TRP A 16 6.22 -1.13 6.92
CA TRP A 16 4.90 -0.91 6.37
C TRP A 16 4.50 -2.05 5.43
N VAL A 17 5.31 -2.26 4.40
CA VAL A 17 5.04 -3.32 3.43
C VAL A 17 5.11 -4.69 4.07
N GLY A 18 6.05 -4.87 5.00
CA GLY A 18 6.20 -6.13 5.69
C GLY A 18 4.99 -6.48 6.53
N LYS A 19 4.29 -5.46 7.01
CA LYS A 19 3.10 -5.67 7.83
C LYS A 19 1.91 -6.08 6.97
N ALA A 20 1.85 -5.55 5.76
CA ALA A 20 0.76 -5.86 4.84
C ALA A 20 0.89 -7.27 4.29
N LEU A 21 2.03 -7.56 3.66
CA LEU A 21 2.27 -8.88 3.09
C LEU A 21 2.13 -9.96 4.15
N GLY A 22 2.34 -9.59 5.41
CA GLY A 22 2.22 -10.54 6.49
C GLY A 22 0.79 -10.70 6.97
N ASN A 23 0.01 -9.63 6.88
CA ASN A 23 -1.38 -9.67 7.30
C ASN A 23 -2.23 -10.46 6.32
N LEU A 24 -3.55 -10.39 6.49
CA LEU A 24 -4.47 -11.11 5.61
C LEU A 24 -5.90 -10.60 5.81
N SER A 25 -6.18 -9.42 5.26
CA SER A 25 -7.50 -8.83 5.37
C SER A 25 -7.56 -7.49 4.64
N ASP A 26 -6.45 -6.75 4.69
CA ASP A 26 -6.38 -5.45 4.03
C ASP A 26 -6.61 -5.58 2.53
N VAL A 27 -5.96 -6.58 1.93
CA VAL A 27 -6.09 -6.80 0.49
C VAL A 27 -7.53 -7.20 0.13
N ASN A 28 -8.18 -7.91 1.04
CA ASN A 28 -9.56 -8.35 0.82
C ASN A 28 -10.48 -7.15 0.57
N GLN A 29 -10.36 -6.14 1.42
CA GLN A 29 -11.18 -4.94 1.30
C GLN A 29 -10.79 -4.14 0.06
N ALA A 30 -9.50 -3.98 -0.15
CA ALA A 30 -8.99 -3.24 -1.30
C ALA A 30 -9.35 -3.95 -2.61
N SER A 31 -9.58 -5.25 -2.52
CA SER A 31 -9.93 -6.05 -3.70
C SER A 31 -11.35 -5.73 -4.16
N ARG A 32 -12.20 -5.34 -3.23
CA ARG A 32 -13.59 -5.01 -3.54
C ARG A 32 -13.69 -3.61 -4.13
N ILE A 33 -12.94 -2.67 -3.56
CA ILE A 33 -12.94 -1.29 -4.04
C ILE A 33 -12.32 -1.19 -5.43
N ASN A 34 -11.44 -2.12 -5.76
CA ASN A 34 -10.79 -2.14 -7.06
C ASN A 34 -11.78 -2.44 -8.17
N ARG A 35 -12.47 -3.57 -8.04
CA ARG A 35 -13.46 -3.98 -9.04
C ARG A 35 -14.60 -2.96 -9.13
N LYS A 36 -14.83 -2.25 -8.03
CA LYS A 36 -15.89 -1.24 -7.99
C LYS A 36 -15.52 -0.02 -8.80
N LYS A 37 -14.23 0.34 -8.76
CA LYS A 37 -13.75 1.50 -9.50
C LYS A 37 -13.53 1.15 -10.98
N LYS A 38 -12.87 0.02 -11.22
CA LYS A 38 -12.61 -0.43 -12.58
C LYS A 38 -13.85 -1.08 -13.20
N HIS A 39 -14.92 -1.13 -12.42
CA HIS A 39 -16.16 -1.73 -12.89
C HIS A 39 -15.94 -3.14 -13.41
N GLY A 1 11.49 12.25 7.59
CA GLY A 1 11.33 12.45 6.17
C GLY A 1 10.27 11.55 5.57
N THR A 2 10.70 10.61 4.74
CA THR A 2 9.78 9.68 4.09
C THR A 2 8.84 10.39 3.13
N TRP A 3 9.18 11.64 2.82
CA TRP A 3 8.36 12.44 1.91
C TRP A 3 8.58 12.01 0.47
N ASP A 4 9.80 11.57 0.16
CA ASP A 4 10.13 11.13 -1.19
C ASP A 4 11.26 10.10 -1.16
N ASP A 5 11.46 9.49 0.00
CA ASP A 5 12.51 8.49 0.16
C ASP A 5 12.08 7.14 -0.40
N ILE A 6 10.78 6.98 -0.60
CA ILE A 6 10.22 5.74 -1.13
C ILE A 6 10.93 5.33 -2.42
N GLY A 7 11.41 6.32 -3.16
CA GLY A 7 12.11 6.06 -4.40
C GLY A 7 13.61 6.03 -4.24
N GLN A 8 14.10 6.63 -3.15
CA GLN A 8 15.53 6.67 -2.88
C GLN A 8 16.09 5.26 -2.67
N GLY A 9 15.32 4.43 -1.99
CA GLY A 9 15.75 3.07 -1.72
C GLY A 9 16.38 2.92 -0.35
N ILE A 10 15.69 3.41 0.68
CA ILE A 10 16.19 3.32 2.04
C ILE A 10 16.59 1.89 2.39
N GLY A 11 15.75 0.94 2.01
CA GLY A 11 16.05 -0.46 2.28
C GLY A 11 14.79 -1.29 2.46
N ARG A 12 13.70 -0.63 2.86
CA ARG A 12 12.43 -1.31 3.05
C ARG A 12 11.26 -0.41 2.67
N VAL A 13 11.51 0.53 1.77
CA VAL A 13 10.49 1.45 1.32
C VAL A 13 9.28 0.70 0.76
N ALA A 14 9.55 -0.38 0.02
CA ALA A 14 8.49 -1.19 -0.56
C ALA A 14 7.63 -1.84 0.51
N TYR A 15 8.26 -2.57 1.42
CA TYR A 15 7.56 -3.24 2.50
C TYR A 15 6.90 -2.23 3.43
N TRP A 16 7.46 -1.03 3.48
CA TRP A 16 6.92 0.03 4.34
C TRP A 16 5.65 0.63 3.72
N VAL A 17 5.78 1.16 2.51
CA VAL A 17 4.65 1.76 1.81
C VAL A 17 3.48 0.80 1.75
N GLY A 18 3.73 -0.42 1.30
CA GLY A 18 2.68 -1.42 1.19
C GLY A 18 2.08 -1.76 2.54
N LYS A 19 2.88 -1.66 3.59
CA LYS A 19 2.41 -1.97 4.94
C LYS A 19 1.56 -0.82 5.49
N ALA A 20 1.98 0.41 5.20
CA ALA A 20 1.26 1.58 5.67
C ALA A 20 -0.05 1.75 4.91
N LEU A 21 0.03 1.91 3.60
CA LEU A 21 -1.15 2.08 2.76
C LEU A 21 -2.06 0.86 2.85
N GLY A 22 -1.47 -0.30 3.10
CA GLY A 22 -2.25 -1.52 3.21
C GLY A 22 -2.25 -2.08 4.62
N ASN A 23 -2.22 -1.19 5.60
CA ASN A 23 -2.22 -1.59 7.00
C ASN A 23 -3.57 -2.21 7.39
N LEU A 24 -4.61 -1.40 7.38
CA LEU A 24 -5.95 -1.85 7.72
C LEU A 24 -7.00 -0.82 7.33
N SER A 25 -8.22 -1.28 7.12
CA SER A 25 -9.32 -0.40 6.73
C SER A 25 -9.21 0.01 5.26
N ASP A 26 -8.05 0.54 4.89
CA ASP A 26 -7.81 0.97 3.52
C ASP A 26 -8.00 -0.20 2.54
N VAL A 27 -7.35 -1.31 2.85
CA VAL A 27 -7.45 -2.50 2.00
C VAL A 27 -8.89 -2.99 1.90
N ASN A 28 -9.64 -2.81 2.97
CA ASN A 28 -11.04 -3.22 3.01
C ASN A 28 -11.84 -2.56 1.89
N GLN A 29 -11.68 -1.25 1.75
CA GLN A 29 -12.38 -0.50 0.73
C GLN A 29 -11.87 -0.86 -0.67
N ALA A 30 -10.55 -0.93 -0.80
CA ALA A 30 -9.93 -1.27 -2.08
C ALA A 30 -10.28 -2.69 -2.50
N SER A 31 -10.64 -3.52 -1.52
CA SER A 31 -11.00 -4.91 -1.79
C SER A 31 -12.37 -4.99 -2.48
N ARG A 32 -13.23 -4.02 -2.19
CA ARG A 32 -14.56 -3.99 -2.78
C ARG A 32 -14.51 -3.45 -4.20
N ILE A 33 -13.69 -2.44 -4.42
CA ILE A 33 -13.55 -1.83 -5.74
C ILE A 33 -12.87 -2.79 -6.72
N ASN A 34 -12.07 -3.70 -6.18
CA ASN A 34 -11.36 -4.67 -7.00
C ASN A 34 -12.32 -5.69 -7.59
N ARG A 35 -13.11 -6.33 -6.73
CA ARG A 35 -14.07 -7.32 -7.17
C ARG A 35 -15.08 -6.72 -8.14
N LYS A 36 -15.29 -5.41 -8.03
CA LYS A 36 -16.23 -4.71 -8.90
C LYS A 36 -15.71 -4.68 -10.33
N LYS A 37 -14.42 -4.42 -10.49
CA LYS A 37 -13.80 -4.37 -11.81
C LYS A 37 -13.59 -5.77 -12.37
N LYS A 38 -13.16 -6.69 -11.50
CA LYS A 38 -12.92 -8.07 -11.90
C LYS A 38 -14.22 -8.85 -12.01
N HIS A 39 -15.33 -8.17 -11.72
CA HIS A 39 -16.65 -8.80 -11.79
C HIS A 39 -17.02 -9.12 -13.22
N GLY A 1 16.79 5.39 6.94
CA GLY A 1 16.94 6.79 7.32
C GLY A 1 17.94 7.52 6.47
N THR A 2 18.97 8.09 7.11
CA THR A 2 20.01 8.81 6.40
C THR A 2 20.64 7.96 5.31
N TRP A 3 20.79 6.67 5.60
CA TRP A 3 21.39 5.74 4.65
C TRP A 3 20.57 5.67 3.37
N ASP A 4 19.25 5.75 3.50
CA ASP A 4 18.36 5.70 2.36
C ASP A 4 16.90 5.84 2.80
N ASP A 5 16.37 7.05 2.64
CA ASP A 5 14.99 7.33 3.03
C ASP A 5 14.64 8.79 2.81
N ILE A 6 15.54 9.68 3.23
CA ILE A 6 15.33 11.11 3.08
C ILE A 6 15.35 11.52 1.61
N GLY A 7 16.09 10.77 0.79
CA GLY A 7 16.17 11.06 -0.62
C GLY A 7 15.37 10.09 -1.47
N GLN A 8 15.08 8.93 -0.90
CA GLN A 8 14.31 7.91 -1.61
C GLN A 8 12.92 8.41 -1.96
N GLY A 9 12.38 9.30 -1.12
CA GLY A 9 11.06 9.85 -1.37
C GLY A 9 10.81 11.11 -0.56
N ILE A 10 11.20 11.09 0.71
CA ILE A 10 11.00 12.25 1.58
C ILE A 10 11.52 11.96 2.98
N GLY A 11 11.47 10.71 3.38
CA GLY A 11 11.94 10.33 4.70
C GLY A 11 11.37 9.00 5.18
N ARG A 12 10.16 8.70 4.73
CA ARG A 12 9.50 7.46 5.11
C ARG A 12 8.61 6.94 3.97
N VAL A 13 8.90 7.39 2.76
CA VAL A 13 8.14 6.98 1.58
C VAL A 13 8.44 5.52 1.22
N ALA A 14 9.65 5.09 1.53
CA ALA A 14 10.06 3.72 1.24
C ALA A 14 9.23 2.72 2.05
N TYR A 15 9.28 2.84 3.36
CA TYR A 15 8.54 1.94 4.24
C TYR A 15 7.04 2.09 4.02
N TRP A 16 6.61 3.28 3.63
CA TRP A 16 5.20 3.54 3.39
C TRP A 16 4.73 2.88 2.09
N VAL A 17 5.40 3.21 0.99
CA VAL A 17 5.06 2.64 -0.31
C VAL A 17 5.29 1.13 -0.33
N GLY A 18 6.36 0.69 0.33
CA GLY A 18 6.66 -0.73 0.38
C GLY A 18 5.60 -1.52 1.11
N LYS A 19 4.92 -0.88 2.06
CA LYS A 19 3.88 -1.54 2.82
C LYS A 19 2.59 -1.68 2.01
N ALA A 20 2.34 -0.69 1.16
CA ALA A 20 1.15 -0.71 0.31
C ALA A 20 1.28 -1.74 -0.80
N LEU A 21 2.32 -1.60 -1.62
CA LEU A 21 2.55 -2.52 -2.72
C LEU A 21 2.67 -3.96 -2.22
N GLY A 22 3.15 -4.11 -0.99
CA GLY A 22 3.31 -5.42 -0.40
C GLY A 22 2.31 -5.68 0.72
N ASN A 23 1.22 -4.93 0.72
CA ASN A 23 0.20 -5.07 1.75
C ASN A 23 -0.59 -6.36 1.56
N LEU A 24 -1.68 -6.50 2.30
CA LEU A 24 -2.53 -7.68 2.20
C LEU A 24 -3.86 -7.46 2.91
N SER A 25 -4.71 -6.64 2.31
CA SER A 25 -6.01 -6.34 2.87
C SER A 25 -6.81 -5.39 1.97
N ASP A 26 -6.09 -4.47 1.32
CA ASP A 26 -6.71 -3.51 0.41
C ASP A 26 -7.48 -4.23 -0.70
N VAL A 27 -6.90 -5.32 -1.19
CA VAL A 27 -7.51 -6.09 -2.26
C VAL A 27 -8.80 -6.77 -1.78
N ASN A 28 -8.81 -7.14 -0.50
CA ASN A 28 -9.98 -7.81 0.09
C ASN A 28 -11.22 -6.93 -0.05
N GLN A 29 -11.08 -5.65 0.31
CA GLN A 29 -12.20 -4.72 0.23
C GLN A 29 -12.57 -4.44 -1.22
N ALA A 30 -11.55 -4.20 -2.05
CA ALA A 30 -11.78 -3.91 -3.46
C ALA A 30 -12.40 -5.11 -4.16
N SER A 31 -12.19 -6.29 -3.61
CA SER A 31 -12.72 -7.52 -4.19
C SER A 31 -14.24 -7.59 -4.01
N ARG A 32 -14.73 -6.98 -2.94
CA ARG A 32 -16.16 -6.97 -2.66
C ARG A 32 -16.88 -5.94 -3.51
N ILE A 33 -16.24 -4.78 -3.70
CA ILE A 33 -16.82 -3.71 -4.50
C ILE A 33 -16.86 -4.09 -5.97
N ASN A 34 -15.96 -4.97 -6.38
CA ASN A 34 -15.89 -5.42 -7.77
C ASN A 34 -17.09 -6.30 -8.11
N ARG A 35 -17.27 -7.36 -7.34
CA ARG A 35 -18.38 -8.29 -7.57
C ARG A 35 -19.71 -7.60 -7.33
N LYS A 36 -19.71 -6.58 -6.49
CA LYS A 36 -20.92 -5.83 -6.17
C LYS A 36 -21.49 -5.17 -7.43
N LYS A 37 -20.62 -4.55 -8.21
CA LYS A 37 -21.03 -3.88 -9.43
C LYS A 37 -21.27 -4.89 -10.55
N LYS A 38 -20.45 -5.94 -10.59
CA LYS A 38 -20.58 -6.97 -11.61
C LYS A 38 -21.72 -7.93 -11.27
N HIS A 39 -22.37 -7.68 -10.14
CA HIS A 39 -23.49 -8.52 -9.70
C HIS A 39 -24.70 -8.33 -10.60
N GLY A 1 5.16 15.74 -7.09
CA GLY A 1 6.46 15.11 -6.95
C GLY A 1 6.89 14.39 -8.22
N THR A 2 8.06 13.77 -8.18
CA THR A 2 8.59 13.04 -9.33
C THR A 2 9.62 12.01 -8.90
N TRP A 3 10.49 12.38 -7.97
CA TRP A 3 11.52 11.49 -7.47
C TRP A 3 10.92 10.37 -6.63
N ASP A 4 10.32 10.75 -5.51
CA ASP A 4 9.69 9.77 -4.61
C ASP A 4 10.72 8.77 -4.10
N ASP A 5 11.17 8.94 -2.87
CA ASP A 5 12.15 8.05 -2.26
C ASP A 5 12.41 8.44 -0.81
N ILE A 6 12.52 9.74 -0.55
CA ILE A 6 12.77 10.23 0.79
C ILE A 6 11.65 9.82 1.75
N GLY A 7 10.44 9.72 1.22
CA GLY A 7 9.30 9.32 2.04
C GLY A 7 8.83 7.92 1.74
N GLN A 8 9.20 7.41 0.57
CA GLN A 8 8.81 6.07 0.17
C GLN A 8 9.39 5.02 1.11
N GLY A 9 10.68 5.14 1.40
CA GLY A 9 11.34 4.20 2.29
C GLY A 9 12.51 4.82 3.03
N ILE A 10 12.21 5.71 3.97
CA ILE A 10 13.25 6.38 4.75
C ILE A 10 14.17 5.37 5.41
N GLY A 11 13.65 4.17 5.67
CA GLY A 11 14.45 3.12 6.29
C GLY A 11 13.62 2.25 7.23
N ARG A 12 12.39 2.68 7.50
CA ARG A 12 11.51 1.92 8.39
C ARG A 12 10.06 2.02 7.92
N VAL A 13 9.66 3.21 7.51
CA VAL A 13 8.30 3.45 7.03
C VAL A 13 7.90 2.43 5.97
N ALA A 14 8.80 2.20 5.02
CA ALA A 14 8.56 1.25 3.95
C ALA A 14 8.09 -0.10 4.50
N TYR A 15 8.77 -0.57 5.54
CA TYR A 15 8.43 -1.85 6.17
C TYR A 15 7.10 -1.75 6.91
N TRP A 16 6.85 -0.58 7.49
CA TRP A 16 5.62 -0.35 8.24
C TRP A 16 4.42 -0.26 7.29
N VAL A 17 4.46 0.71 6.38
CA VAL A 17 3.37 0.90 5.43
C VAL A 17 3.22 -0.31 4.52
N GLY A 18 4.33 -0.77 3.96
CA GLY A 18 4.30 -1.93 3.08
C GLY A 18 3.60 -3.11 3.72
N LYS A 19 3.65 -3.19 5.04
CA LYS A 19 3.03 -4.28 5.77
C LYS A 19 1.51 -4.11 5.82
N ALA A 20 1.07 -2.89 6.11
CA ALA A 20 -0.35 -2.59 6.20
C ALA A 20 -0.99 -2.59 4.81
N LEU A 21 -0.22 -2.17 3.80
CA LEU A 21 -0.72 -2.13 2.43
C LEU A 21 -1.31 -3.47 2.02
N GLY A 22 -0.62 -4.55 2.37
CA GLY A 22 -1.10 -5.87 2.02
C GLY A 22 -1.11 -6.81 3.21
N ASN A 23 -1.56 -6.30 4.36
CA ASN A 23 -1.62 -7.10 5.58
C ASN A 23 -2.75 -8.13 5.50
N LEU A 24 -3.98 -7.64 5.44
CA LEU A 24 -5.14 -8.52 5.36
C LEU A 24 -6.43 -7.70 5.25
N SER A 25 -6.82 -7.07 6.35
CA SER A 25 -8.03 -6.26 6.38
C SER A 25 -8.03 -5.24 5.24
N ASP A 26 -6.90 -4.57 5.05
CA ASP A 26 -6.77 -3.58 4.00
C ASP A 26 -7.07 -4.19 2.63
N VAL A 27 -6.56 -5.39 2.40
CA VAL A 27 -6.76 -6.09 1.14
C VAL A 27 -8.24 -6.43 0.94
N ASN A 28 -8.94 -6.70 2.04
CA ASN A 28 -10.35 -7.05 1.99
C ASN A 28 -11.15 -5.93 1.33
N GLN A 29 -10.92 -4.70 1.77
CA GLN A 29 -11.62 -3.55 1.22
C GLN A 29 -11.21 -3.29 -0.22
N ALA A 30 -9.90 -3.34 -0.47
CA ALA A 30 -9.36 -3.12 -1.81
C ALA A 30 -9.84 -4.19 -2.78
N SER A 31 -10.20 -5.35 -2.25
CA SER A 31 -10.67 -6.45 -3.08
C SER A 31 -12.06 -6.16 -3.62
N ARG A 32 -12.85 -5.40 -2.87
CA ARG A 32 -14.20 -5.04 -3.28
C ARG A 32 -14.18 -3.93 -4.32
N ILE A 33 -13.28 -2.97 -4.13
CA ILE A 33 -13.16 -1.84 -5.04
C ILE A 33 -12.59 -2.29 -6.39
N ASN A 34 -11.84 -3.38 -6.38
CA ASN A 34 -11.25 -3.91 -7.60
C ASN A 34 -12.31 -4.51 -8.51
N ARG A 35 -13.10 -5.44 -7.98
CA ARG A 35 -14.15 -6.09 -8.75
C ARG A 35 -15.19 -5.06 -9.21
N LYS A 36 -15.31 -3.97 -8.47
CA LYS A 36 -16.25 -2.91 -8.80
C LYS A 36 -15.84 -2.20 -10.07
N LYS A 37 -14.57 -1.82 -10.15
CA LYS A 37 -14.05 -1.12 -11.32
C LYS A 37 -13.87 -2.08 -12.50
N LYS A 38 -13.33 -3.26 -12.20
CA LYS A 38 -13.10 -4.28 -13.23
C LYS A 38 -14.40 -5.00 -13.56
N HIS A 39 -15.48 -4.63 -12.89
CA HIS A 39 -16.78 -5.25 -13.11
C HIS A 39 -16.70 -6.76 -12.92
N GLY A 1 8.17 14.11 -8.23
CA GLY A 1 8.61 14.25 -6.85
C GLY A 1 10.03 13.75 -6.65
N THR A 2 10.17 12.65 -5.93
CA THR A 2 11.49 12.08 -5.67
C THR A 2 12.34 13.01 -4.80
N TRP A 3 11.69 14.01 -4.21
CA TRP A 3 12.39 14.97 -3.37
C TRP A 3 12.71 14.37 -2.01
N ASP A 4 11.83 13.49 -1.53
CA ASP A 4 12.03 12.85 -0.24
C ASP A 4 11.36 11.47 -0.22
N ASP A 5 11.09 10.93 -1.40
CA ASP A 5 10.44 9.63 -1.51
C ASP A 5 11.45 8.50 -1.31
N ILE A 6 12.73 8.84 -1.42
CA ILE A 6 13.80 7.86 -1.25
C ILE A 6 13.63 7.08 0.05
N GLY A 7 13.03 7.73 1.05
CA GLY A 7 12.82 7.08 2.33
C GLY A 7 11.36 7.04 2.73
N GLN A 8 10.51 7.68 1.91
CA GLN A 8 9.08 7.72 2.18
C GLN A 8 8.40 6.44 1.71
N GLY A 9 9.16 5.57 1.07
CA GLY A 9 8.62 4.31 0.57
C GLY A 9 9.58 3.58 -0.33
N ILE A 10 10.86 3.59 0.04
CA ILE A 10 11.88 2.91 -0.76
C ILE A 10 13.05 2.47 0.13
N GLY A 11 12.82 2.41 1.43
CA GLY A 11 13.86 2.01 2.36
C GLY A 11 13.31 1.26 3.56
N ARG A 12 12.23 1.78 4.13
CA ARG A 12 11.61 1.16 5.29
C ARG A 12 10.10 1.34 5.27
N VAL A 13 9.67 2.54 4.90
CA VAL A 13 8.24 2.85 4.83
C VAL A 13 7.50 1.86 3.93
N ALA A 14 8.24 1.28 2.99
CA ALA A 14 7.65 0.31 2.06
C ALA A 14 7.18 -0.94 2.80
N TYR A 15 8.11 -1.62 3.47
CA TYR A 15 7.78 -2.83 4.20
C TYR A 15 6.84 -2.52 5.37
N TRP A 16 6.88 -1.28 5.84
CA TRP A 16 6.02 -0.85 6.94
C TRP A 16 4.59 -0.63 6.47
N VAL A 17 4.42 0.24 5.48
CA VAL A 17 3.11 0.54 4.94
C VAL A 17 2.49 -0.68 4.28
N GLY A 18 3.26 -1.32 3.40
CA GLY A 18 2.77 -2.50 2.72
C GLY A 18 2.31 -3.58 3.67
N LYS A 19 2.87 -3.58 4.88
CA LYS A 19 2.51 -4.58 5.89
C LYS A 19 1.15 -4.25 6.51
N ALA A 20 0.92 -2.97 6.77
CA ALA A 20 -0.35 -2.53 7.36
C ALA A 20 -1.50 -2.68 6.36
N LEU A 21 -1.31 -2.13 5.16
CA LEU A 21 -2.34 -2.19 4.13
C LEU A 21 -2.45 -3.61 3.56
N GLY A 22 -1.33 -4.35 3.59
CA GLY A 22 -1.33 -5.70 3.09
C GLY A 22 -1.42 -6.73 4.20
N ASN A 23 -1.90 -6.31 5.36
CA ASN A 23 -2.04 -7.21 6.50
C ASN A 23 -3.07 -8.30 6.21
N LEU A 24 -4.33 -7.90 6.10
CA LEU A 24 -5.41 -8.83 5.82
C LEU A 24 -6.74 -8.11 5.69
N SER A 25 -7.27 -7.64 6.83
CA SER A 25 -8.54 -6.94 6.84
C SER A 25 -8.54 -5.79 5.83
N ASP A 26 -7.45 -5.02 5.81
CA ASP A 26 -7.32 -3.90 4.89
C ASP A 26 -7.47 -4.37 3.44
N VAL A 27 -6.85 -5.50 3.13
CA VAL A 27 -6.90 -6.05 1.78
C VAL A 27 -8.32 -6.47 1.42
N ASN A 28 -9.07 -6.92 2.42
CA ASN A 28 -10.45 -7.36 2.21
C ASN A 28 -11.29 -6.23 1.61
N GLN A 29 -11.19 -5.05 2.21
CA GLN A 29 -11.94 -3.89 1.73
C GLN A 29 -11.43 -3.43 0.36
N ALA A 30 -10.11 -3.37 0.23
CA ALA A 30 -9.50 -2.93 -1.03
C ALA A 30 -9.81 -3.92 -2.15
N SER A 31 -10.11 -5.16 -1.78
CA SER A 31 -10.42 -6.20 -2.76
C SER A 31 -11.79 -5.95 -3.39
N ARG A 32 -12.69 -5.34 -2.63
CA ARG A 32 -14.03 -5.04 -3.12
C ARG A 32 -14.02 -3.81 -4.03
N ILE A 33 -13.22 -2.81 -3.65
CA ILE A 33 -13.13 -1.59 -4.43
C ILE A 33 -12.43 -1.83 -5.76
N ASN A 34 -11.59 -2.85 -5.80
CA ASN A 34 -10.85 -3.20 -7.01
C ASN A 34 -11.79 -3.79 -8.06
N ARG A 35 -12.50 -4.85 -7.68
CA ARG A 35 -13.43 -5.50 -8.59
C ARG A 35 -14.46 -4.52 -9.13
N LYS A 36 -14.72 -3.46 -8.35
CA LYS A 36 -15.69 -2.45 -8.75
C LYS A 36 -15.16 -1.63 -9.93
N LYS A 37 -13.87 -1.32 -9.90
CA LYS A 37 -13.26 -0.54 -10.97
C LYS A 37 -12.97 -1.43 -12.18
N LYS A 38 -12.38 -2.59 -11.93
CA LYS A 38 -12.05 -3.53 -12.99
C LYS A 38 -13.29 -4.30 -13.45
N HIS A 39 -14.42 -4.01 -12.82
CA HIS A 39 -15.67 -4.68 -13.16
C HIS A 39 -15.54 -6.20 -13.03
N GLY A 1 9.98 14.85 -5.50
CA GLY A 1 8.88 15.13 -6.40
C GLY A 1 7.82 14.04 -6.39
N THR A 2 7.86 13.19 -5.36
CA THR A 2 6.91 12.08 -5.24
C THR A 2 7.21 10.98 -6.24
N TRP A 3 8.24 11.19 -7.06
CA TRP A 3 8.63 10.22 -8.07
C TRP A 3 9.42 9.07 -7.44
N ASP A 4 10.17 9.39 -6.39
CA ASP A 4 10.97 8.40 -5.69
C ASP A 4 11.68 9.01 -4.49
N ASP A 5 11.13 8.80 -3.30
CA ASP A 5 11.71 9.32 -2.08
C ASP A 5 10.85 8.98 -0.87
N ILE A 6 9.55 9.16 -1.01
CA ILE A 6 8.61 8.88 0.07
C ILE A 6 8.54 7.38 0.35
N GLY A 7 8.90 6.58 -0.65
CA GLY A 7 8.86 5.14 -0.49
C GLY A 7 10.14 4.48 -0.97
N GLN A 8 11.16 5.29 -1.27
CA GLN A 8 12.43 4.78 -1.75
C GLN A 8 13.11 3.93 -0.69
N GLY A 9 12.78 4.18 0.58
CA GLY A 9 13.37 3.44 1.67
C GLY A 9 13.86 4.33 2.79
N ILE A 10 13.02 5.29 3.19
CA ILE A 10 13.36 6.22 4.26
C ILE A 10 13.70 5.48 5.54
N GLY A 11 12.67 4.92 6.18
CA GLY A 11 12.88 4.18 7.41
C GLY A 11 11.59 3.63 7.98
N ARG A 12 10.49 4.34 7.75
CA ARG A 12 9.18 3.92 8.24
C ARG A 12 8.44 3.09 7.19
N VAL A 13 8.67 3.41 5.92
CA VAL A 13 8.04 2.70 4.82
C VAL A 13 8.26 1.19 4.95
N ALA A 14 9.44 0.80 5.40
CA ALA A 14 9.77 -0.61 5.57
C ALA A 14 8.88 -1.26 6.62
N TYR A 15 8.73 -0.59 7.76
CA TYR A 15 7.90 -1.11 8.84
C TYR A 15 6.42 -1.12 8.45
N TRP A 16 6.07 -0.22 7.54
CA TRP A 16 4.68 -0.13 7.07
C TRP A 16 4.38 -1.21 6.04
N VAL A 17 5.14 -1.23 4.96
CA VAL A 17 4.95 -2.21 3.91
C VAL A 17 4.93 -3.63 4.48
N GLY A 18 5.97 -3.97 5.23
CA GLY A 18 6.05 -5.29 5.82
C GLY A 18 4.88 -5.60 6.72
N LYS A 19 4.32 -4.57 7.34
CA LYS A 19 3.18 -4.74 8.23
C LYS A 19 1.90 -4.95 7.44
N ALA A 20 1.72 -4.18 6.37
CA ALA A 20 0.54 -4.31 5.52
C ALA A 20 0.51 -5.65 4.80
N LEU A 21 1.53 -5.91 3.99
CA LEU A 21 1.62 -7.16 3.26
C LEU A 21 1.57 -8.36 4.20
N GLY A 22 2.06 -8.16 5.42
CA GLY A 22 2.06 -9.23 6.40
C GLY A 22 0.71 -9.41 7.08
N ASN A 23 -0.06 -8.32 7.14
CA ASN A 23 -1.37 -8.35 7.76
C ASN A 23 -2.35 -9.20 6.95
N LEU A 24 -2.09 -9.30 5.65
CA LEU A 24 -2.94 -10.09 4.76
C LEU A 24 -4.42 -9.79 5.03
N SER A 25 -4.87 -8.63 4.55
CA SER A 25 -6.26 -8.23 4.73
C SER A 25 -6.53 -6.89 4.08
N ASP A 26 -5.54 -6.00 4.12
CA ASP A 26 -5.66 -4.68 3.53
C ASP A 26 -5.93 -4.78 2.03
N VAL A 27 -5.17 -5.64 1.35
CA VAL A 27 -5.33 -5.83 -0.09
C VAL A 27 -6.70 -6.40 -0.42
N ASN A 28 -7.23 -7.23 0.47
CA ASN A 28 -8.54 -7.84 0.28
C ASN A 28 -9.61 -6.79 0.11
N GLN A 29 -9.61 -5.79 1.01
CA GLN A 29 -10.59 -4.72 0.96
C GLN A 29 -10.36 -3.83 -0.26
N ALA A 30 -9.11 -3.48 -0.50
CA ALA A 30 -8.75 -2.62 -1.62
C ALA A 30 -9.05 -3.32 -2.95
N SER A 31 -9.12 -4.65 -2.92
CA SER A 31 -9.39 -5.43 -4.12
C SER A 31 -10.86 -5.30 -4.53
N ARG A 32 -11.71 -5.06 -3.54
CA ARG A 32 -13.15 -4.92 -3.79
C ARG A 32 -13.46 -3.52 -4.31
N ILE A 33 -12.82 -2.51 -3.73
CA ILE A 33 -13.04 -1.13 -4.13
C ILE A 33 -12.50 -0.88 -5.54
N ASN A 34 -11.51 -1.67 -5.94
CA ASN A 34 -10.92 -1.55 -7.27
C ASN A 34 -11.88 -2.03 -8.35
N ARG A 35 -12.34 -3.26 -8.22
CA ARG A 35 -13.26 -3.85 -9.19
C ARG A 35 -14.53 -3.00 -9.29
N LYS A 36 -14.86 -2.30 -8.21
CA LYS A 36 -16.05 -1.47 -8.18
C LYS A 36 -15.90 -0.26 -9.11
N LYS A 37 -14.69 0.28 -9.18
CA LYS A 37 -14.40 1.42 -10.03
C LYS A 37 -14.28 0.99 -11.50
N LYS A 38 -13.57 -0.10 -11.73
CA LYS A 38 -13.37 -0.62 -13.08
C LYS A 38 -14.60 -1.38 -13.55
N HIS A 39 -15.62 -1.46 -12.69
CA HIS A 39 -16.86 -2.15 -13.02
C HIS A 39 -17.96 -1.80 -12.04
N GLY A 1 1.89 17.67 2.11
CA GLY A 1 2.11 17.12 0.79
C GLY A 1 0.84 16.62 0.15
N THR A 2 0.98 15.72 -0.82
CA THR A 2 -0.17 15.16 -1.52
C THR A 2 0.23 13.96 -2.37
N TRP A 3 1.41 14.04 -2.99
CA TRP A 3 1.91 12.97 -3.83
C TRP A 3 1.94 11.65 -3.06
N ASP A 4 2.65 11.65 -1.93
CA ASP A 4 2.77 10.46 -1.10
C ASP A 4 3.41 9.32 -1.88
N ASP A 5 4.70 9.09 -1.63
CA ASP A 5 5.43 8.02 -2.31
C ASP A 5 6.88 7.96 -1.82
N ILE A 6 7.45 9.13 -1.53
CA ILE A 6 8.82 9.21 -1.05
C ILE A 6 8.96 8.58 0.33
N GLY A 7 7.83 8.33 0.98
CA GLY A 7 7.86 7.73 2.30
C GLY A 7 7.53 6.25 2.27
N GLN A 8 6.66 5.85 1.36
CA GLN A 8 6.27 4.45 1.23
C GLN A 8 7.28 3.68 0.40
N GLY A 9 7.87 4.35 -0.58
CA GLY A 9 8.85 3.71 -1.44
C GLY A 9 10.06 4.58 -1.69
N ILE A 10 11.15 4.31 -0.96
CA ILE A 10 12.38 5.07 -1.12
C ILE A 10 13.56 4.35 -0.49
N GLY A 11 13.31 3.66 0.61
CA GLY A 11 14.36 2.92 1.29
C GLY A 11 13.86 2.20 2.53
N ARG A 12 12.60 1.77 2.49
CA ARG A 12 12.01 1.06 3.62
C ARG A 12 11.02 0.01 3.12
N VAL A 13 11.22 -0.45 1.89
CA VAL A 13 10.34 -1.46 1.30
C VAL A 13 10.31 -2.73 2.15
N ALA A 14 11.42 -3.00 2.84
CA ALA A 14 11.52 -4.17 3.70
C ALA A 14 10.58 -4.07 4.89
N TYR A 15 10.73 -3.01 5.66
CA TYR A 15 9.88 -2.79 6.84
C TYR A 15 8.45 -2.46 6.43
N TRP A 16 8.30 -1.92 5.22
CA TRP A 16 6.98 -1.56 4.71
C TRP A 16 6.24 -2.79 4.19
N VAL A 17 6.85 -3.47 3.21
CA VAL A 17 6.25 -4.66 2.63
C VAL A 17 6.09 -5.77 3.67
N GLY A 18 7.02 -5.82 4.61
CA GLY A 18 6.97 -6.83 5.66
C GLY A 18 5.78 -6.64 6.59
N LYS A 19 5.38 -5.38 6.78
CA LYS A 19 4.26 -5.07 7.64
C LYS A 19 2.93 -5.39 6.96
N ALA A 20 2.90 -5.24 5.64
CA ALA A 20 1.69 -5.52 4.86
C ALA A 20 1.43 -7.02 4.79
N LEU A 21 2.38 -7.76 4.23
CA LEU A 21 2.24 -9.21 4.10
C LEU A 21 1.97 -9.85 5.45
N GLY A 22 2.42 -9.19 6.52
CA GLY A 22 2.21 -9.73 7.84
C GLY A 22 0.83 -9.38 8.40
N ASN A 23 0.30 -8.25 7.98
CA ASN A 23 -1.01 -7.81 8.44
C ASN A 23 -2.12 -8.66 7.82
N LEU A 24 -3.37 -8.23 8.00
CA LEU A 24 -4.51 -8.96 7.47
C LEU A 24 -5.77 -8.11 7.52
N SER A 25 -5.79 -7.04 6.73
CA SER A 25 -6.95 -6.14 6.70
C SER A 25 -6.76 -5.06 5.64
N ASP A 26 -5.53 -4.61 5.48
CA ASP A 26 -5.21 -3.57 4.50
C ASP A 26 -5.63 -4.01 3.10
N VAL A 27 -5.41 -5.29 2.79
CA VAL A 27 -5.75 -5.84 1.49
C VAL A 27 -7.26 -5.85 1.28
N ASN A 28 -8.00 -6.05 2.38
CA ASN A 28 -9.46 -6.08 2.31
C ASN A 28 -10.01 -4.78 1.73
N GLN A 29 -9.52 -3.66 2.24
CA GLN A 29 -9.97 -2.35 1.78
C GLN A 29 -9.49 -2.09 0.35
N ALA A 30 -8.23 -2.39 0.08
CA ALA A 30 -7.66 -2.20 -1.24
C ALA A 30 -8.34 -3.09 -2.27
N SER A 31 -8.92 -4.19 -1.80
CA SER A 31 -9.62 -5.12 -2.68
C SER A 31 -10.91 -4.52 -3.21
N ARG A 32 -11.52 -3.65 -2.42
CA ARG A 32 -12.77 -3.00 -2.79
C ARG A 32 -12.51 -1.86 -3.77
N ILE A 33 -11.44 -1.11 -3.53
CA ILE A 33 -11.08 0.00 -4.39
C ILE A 33 -10.62 -0.47 -5.76
N ASN A 34 -10.10 -1.69 -5.81
CA ASN A 34 -9.62 -2.27 -7.06
C ASN A 34 -10.79 -2.59 -7.99
N ARG A 35 -11.73 -3.38 -7.50
CA ARG A 35 -12.90 -3.77 -8.29
C ARG A 35 -13.69 -2.53 -8.72
N LYS A 36 -13.57 -1.46 -7.95
CA LYS A 36 -14.27 -0.21 -8.25
C LYS A 36 -13.69 0.45 -9.50
N LYS A 37 -12.38 0.28 -9.70
CA LYS A 37 -11.70 0.85 -10.85
C LYS A 37 -12.01 0.07 -12.12
N LYS A 38 -11.80 -1.25 -12.06
CA LYS A 38 -12.06 -2.12 -13.21
C LYS A 38 -13.56 -2.41 -13.33
N HIS A 39 -14.34 -1.86 -12.42
CA HIS A 39 -15.79 -2.06 -12.44
C HIS A 39 -16.13 -3.55 -12.45
#